data_8FDM
#
_entry.id   8FDM
#
_cell.length_a   53.458
_cell.length_b   53.458
_cell.length_c   191.375
_cell.angle_alpha   90.000
_cell.angle_beta   90.000
_cell.angle_gamma   90.000
#
_symmetry.space_group_name_H-M   'P 41'
#
loop_
_entity.id
_entity.type
_entity.pdbx_description
1 polymer 'Hemoglobin subunit alpha'
2 polymer 'Hemoglobin subunit beta'
3 non-polymer 'PROTOPORPHYRIN IX CONTAINING FE'
4 non-polymer GLYCEROL
5 non-polymer TOLUENE
6 non-polymer NITROSOMETHANE
7 non-polymer 'PHOSPHATE ION'
8 water water
#
loop_
_entity_poly.entity_id
_entity_poly.type
_entity_poly.pdbx_seq_one_letter_code
_entity_poly.pdbx_strand_id
1 'polypeptide(L)'
;VLSPADKTNVKAAWGKVGAHAGEYGAEALERMFLSFPTTKTYFPHFDLSHGSAQVKGHGKKVADALTNAVAHVDDMPNAL
SALSDLHAHKLRVDPVNFKLLSHCLLVTLAAHLPAEFTPAVHASLDKFLASVSTVLTSKYR
;
A,C
2 'polypeptide(L)'
;VHLTPEEKSAVTALWGKVNVDEVGGEALGRLLVVYPWTQRFFESFGDLSTPDAVMGNPKVKAHGKKVLGAFSDGLAHLDN
LKGTFATLSELHCDKLHVDPENFRLLGNVLVCVLAHHFGKEFTPPVQAAYQKVVAGVANALAHKYH
;
B,D
#
loop_
_chem_comp.id
_chem_comp.type
_chem_comp.name
_chem_comp.formula
GOL non-polymer GLYCEROL 'C3 H8 O3'
HEM non-polymer 'PROTOPORPHYRIN IX CONTAINING FE' 'C34 H32 Fe N4 O4'
MBN non-polymer TOLUENE 'C7 H8'
NSM non-polymer NITROSOMETHANE 'C H3 N O'
PO4 non-polymer 'PHOSPHATE ION' 'O4 P -3'
#
# COMPACT_ATOMS: atom_id res chain seq x y z
N VAL A 1 11.12 6.79 14.10
CA VAL A 1 11.11 6.07 15.35
C VAL A 1 9.92 6.57 16.18
N LEU A 2 9.57 5.83 17.23
CA LEU A 2 8.55 6.28 18.17
C LEU A 2 9.16 7.31 19.11
N SER A 3 8.52 8.46 19.21
CA SER A 3 8.97 9.52 20.08
C SER A 3 8.68 9.20 21.54
N PRO A 4 9.32 9.92 22.48
CA PRO A 4 8.92 9.78 23.88
C PRO A 4 7.43 10.03 24.11
N ALA A 5 6.83 11.01 23.44
CA ALA A 5 5.40 11.23 23.64
C ALA A 5 4.59 10.03 23.13
N ASP A 6 4.98 9.47 21.97
CA ASP A 6 4.32 8.27 21.46
C ASP A 6 4.41 7.12 22.46
N LYS A 7 5.61 6.89 23.02
CA LYS A 7 5.76 5.78 23.96
C LYS A 7 4.88 6.00 25.19
N THR A 8 4.84 7.25 25.69
CA THR A 8 3.95 7.56 26.80
C THR A 8 2.51 7.26 26.43
N ASN A 9 2.05 7.79 25.28
CA ASN A 9 0.64 7.62 24.87
C ASN A 9 0.28 6.16 24.73
N VAL A 10 1.13 5.39 24.05
CA VAL A 10 0.85 3.97 23.84
C VAL A 10 0.75 3.27 25.18
N LYS A 11 1.75 3.50 26.05
CA LYS A 11 1.75 2.89 27.37
C LYS A 11 0.47 3.23 28.13
N ALA A 12 0.04 4.49 28.07
CA ALA A 12 -1.14 4.91 28.83
C ALA A 12 -2.42 4.28 28.27
N ALA A 13 -2.55 4.25 26.94
CA ALA A 13 -3.73 3.60 26.35
C ALA A 13 -3.76 2.13 26.69
N TRP A 14 -2.62 1.46 26.57
CA TRP A 14 -2.56 0.04 26.95
C TRP A 14 -2.88 -0.15 28.43
N GLY A 15 -2.44 0.78 29.28
CA GLY A 15 -2.75 0.66 30.70
C GLY A 15 -4.24 0.62 30.96
N LYS A 16 -5.00 1.42 30.22
CA LYS A 16 -6.45 1.47 30.39
C LYS A 16 -7.16 0.25 29.84
N VAL A 17 -6.52 -0.48 28.91
CA VAL A 17 -7.14 -1.70 28.37
C VAL A 17 -7.22 -2.78 29.43
N GLY A 18 -6.23 -2.86 30.31
CA GLY A 18 -6.29 -3.75 31.46
C GLY A 18 -6.47 -5.20 31.07
N ALA A 19 -7.21 -5.94 31.90
CA ALA A 19 -7.46 -7.35 31.66
C ALA A 19 -8.43 -7.61 30.50
N HIS A 20 -8.85 -6.56 29.79
CA HIS A 20 -9.63 -6.72 28.58
C HIS A 20 -8.75 -6.98 27.36
N ALA A 21 -7.43 -6.98 27.52
CA ALA A 21 -6.51 -7.16 26.39
C ALA A 21 -6.91 -8.37 25.54
N GLY A 22 -7.07 -9.53 26.19
CA GLY A 22 -7.43 -10.73 25.45
C GLY A 22 -8.73 -10.57 24.65
N GLU A 23 -9.77 -10.07 25.30
CA GLU A 23 -11.06 -9.86 24.63
C GLU A 23 -10.94 -8.87 23.47
N TYR A 24 -10.16 -7.81 23.63
CA TYR A 24 -10.10 -6.81 22.58
C TYR A 24 -9.35 -7.35 21.37
N GLY A 25 -8.35 -8.20 21.60
CA GLY A 25 -7.65 -8.84 20.48
C GLY A 25 -8.59 -9.76 19.72
N ALA A 26 -9.39 -10.53 20.44
CA ALA A 26 -10.41 -11.35 19.79
C ALA A 26 -11.37 -10.49 18.96
N GLU A 27 -11.80 -9.35 19.50
CA GLU A 27 -12.74 -8.49 18.77
C GLU A 27 -12.09 -7.89 17.53
N ALA A 28 -10.82 -7.50 17.63
CA ALA A 28 -10.13 -6.97 16.46
C ALA A 28 -10.04 -8.01 15.34
N LEU A 29 -9.73 -9.26 15.69
CA LEU A 29 -9.69 -10.33 14.70
C LEU A 29 -11.06 -10.52 14.04
N GLU A 30 -12.12 -10.58 14.85
CA GLU A 30 -13.46 -10.68 14.28
C GLU A 30 -13.77 -9.51 13.35
N ARG A 31 -13.44 -8.29 13.78
CA ARG A 31 -13.67 -7.13 12.92
C ARG A 31 -12.92 -7.29 11.59
N MET A 32 -11.70 -7.84 11.65
CA MET A 32 -10.94 -7.99 10.40
C MET A 32 -11.51 -9.11 9.53
N PHE A 33 -11.91 -10.23 10.13
CA PHE A 33 -12.46 -11.34 9.33
C PHE A 33 -13.75 -10.93 8.63
N LEU A 34 -14.59 -10.12 9.30
CA LEU A 34 -15.85 -9.66 8.72
C LEU A 34 -15.61 -8.55 7.70
N SER A 35 -14.69 -7.63 8.00
CA SER A 35 -14.52 -6.45 7.15
C SER A 35 -13.65 -6.75 5.94
N PHE A 36 -12.69 -7.66 6.09
CA PHE A 36 -11.69 -7.95 5.07
C PHE A 36 -11.65 -9.45 4.86
N PRO A 37 -12.65 -10.01 4.18
CA PRO A 37 -12.81 -11.48 4.18
C PRO A 37 -11.64 -12.24 3.60
N THR A 38 -10.81 -11.60 2.77
N THR A 38 -10.81 -11.61 2.78
CA THR A 38 -9.61 -12.23 2.22
CA THR A 38 -9.64 -12.29 2.24
C THR A 38 -8.68 -12.75 3.31
C THR A 38 -8.73 -12.80 3.34
N THR A 39 -8.66 -12.09 4.48
CA THR A 39 -7.82 -12.52 5.57
C THR A 39 -8.24 -13.86 6.15
N LYS A 40 -9.52 -14.24 5.99
CA LYS A 40 -10.05 -15.48 6.58
C LYS A 40 -9.27 -16.70 6.13
N THR A 41 -8.69 -16.66 4.94
CA THR A 41 -8.04 -17.83 4.39
C THR A 41 -6.81 -18.26 5.18
N TYR A 42 -6.22 -17.35 5.97
CA TYR A 42 -5.08 -17.76 6.79
C TYR A 42 -5.49 -18.63 7.95
N PHE A 43 -6.77 -18.75 8.26
CA PHE A 43 -7.23 -19.56 9.41
C PHE A 43 -8.26 -20.60 8.97
N PRO A 44 -7.86 -21.59 8.18
CA PRO A 44 -8.81 -22.64 7.76
C PRO A 44 -9.14 -23.64 8.85
N HIS A 45 -8.26 -23.81 9.82
CA HIS A 45 -8.47 -24.71 10.95
C HIS A 45 -9.20 -24.02 12.09
N PHE A 46 -9.60 -22.77 11.90
CA PHE A 46 -10.38 -22.02 12.87
C PHE A 46 -11.84 -22.02 12.48
N ASP A 47 -12.72 -22.14 13.45
CA ASP A 47 -14.08 -21.67 13.23
C ASP A 47 -14.07 -20.17 13.51
N LEU A 48 -14.49 -19.36 12.54
CA LEU A 48 -14.44 -17.90 12.68
C LEU A 48 -15.79 -17.31 13.08
N SER A 49 -16.77 -18.14 13.44
CA SER A 49 -18.05 -17.59 13.86
C SER A 49 -17.91 -16.85 15.18
N HIS A 50 -18.88 -15.98 15.45
CA HIS A 50 -18.90 -15.21 16.69
C HIS A 50 -18.89 -16.16 17.89
N GLY A 51 -18.09 -15.79 18.90
CA GLY A 51 -18.02 -16.60 20.09
C GLY A 51 -17.09 -17.78 19.99
N SER A 52 -16.34 -17.89 18.89
CA SER A 52 -15.41 -19.00 18.71
C SER A 52 -14.36 -18.99 19.79
N ALA A 53 -14.26 -20.11 20.50
CA ALA A 53 -13.17 -20.27 21.48
C ALA A 53 -11.80 -20.18 20.82
N GLN A 54 -11.71 -20.51 19.54
CA GLN A 54 -10.42 -20.48 18.87
C GLN A 54 -10.00 -19.05 18.54
N VAL A 55 -10.96 -18.22 18.09
CA VAL A 55 -10.69 -16.80 17.91
C VAL A 55 -10.38 -16.15 19.25
N LYS A 56 -11.13 -16.53 20.30
CA LYS A 56 -10.83 -16.02 21.64
C LYS A 56 -9.41 -16.32 22.07
N GLY A 57 -8.99 -17.58 21.94
CA GLY A 57 -7.66 -17.95 22.37
C GLY A 57 -6.59 -17.27 21.54
N HIS A 58 -6.85 -17.10 20.24
CA HIS A 58 -5.88 -16.42 19.39
C HIS A 58 -5.83 -14.93 19.67
N GLY A 59 -6.98 -14.31 19.96
CA GLY A 59 -6.97 -12.90 20.33
C GLY A 59 -6.07 -12.62 21.53
N LYS A 60 -6.05 -13.56 22.48
CA LYS A 60 -5.20 -13.38 23.64
C LYS A 60 -3.73 -13.49 23.26
N LYS A 61 -3.39 -14.48 22.42
CA LYS A 61 -2.03 -14.59 21.88
C LYS A 61 -1.57 -13.29 21.23
N VAL A 62 -2.44 -12.72 20.38
CA VAL A 62 -2.11 -11.50 19.65
C VAL A 62 -1.91 -10.34 20.63
N ALA A 63 -2.88 -10.16 21.54
CA ALA A 63 -2.75 -9.12 22.57
C ALA A 63 -1.47 -9.27 23.38
N ASP A 64 -1.11 -10.51 23.74
CA ASP A 64 0.09 -10.72 24.53
C ASP A 64 1.34 -10.34 23.74
N ALA A 65 1.33 -10.60 22.43
CA ALA A 65 2.43 -10.15 21.56
C ALA A 65 2.54 -8.64 21.55
N LEU A 66 1.40 -7.96 21.41
CA LEU A 66 1.43 -6.50 21.40
C LEU A 66 1.90 -5.94 22.74
N THR A 67 1.46 -6.56 23.83
CA THR A 67 1.92 -6.14 25.17
C THR A 67 3.42 -6.34 25.34
N ASN A 68 3.96 -7.45 24.84
CA ASN A 68 5.41 -7.65 24.86
C ASN A 68 6.12 -6.59 24.03
N ALA A 69 5.53 -6.21 22.89
CA ALA A 69 6.10 -5.12 22.09
C ALA A 69 6.06 -3.79 22.84
N VAL A 70 4.94 -3.48 23.51
CA VAL A 70 4.87 -2.27 24.34
C VAL A 70 5.93 -2.30 25.43
N ALA A 71 6.08 -3.45 26.10
CA ALA A 71 7.01 -3.56 27.20
C ALA A 71 8.45 -3.48 26.76
N HIS A 72 8.74 -3.74 25.48
CA HIS A 72 10.09 -3.74 24.95
C HIS A 72 10.15 -2.86 23.73
N VAL A 73 9.58 -1.66 23.86
CA VAL A 73 9.32 -0.79 22.72
C VAL A 73 10.62 -0.31 22.09
N ASP A 74 11.69 -0.22 22.89
CA ASP A 74 12.98 0.24 22.38
C ASP A 74 13.79 -0.89 21.77
N ASP A 75 13.23 -2.10 21.68
CA ASP A 75 13.96 -3.30 21.31
C ASP A 75 13.02 -4.27 20.60
N MET A 76 12.11 -3.73 19.79
CA MET A 76 11.05 -4.52 19.15
C MET A 76 11.56 -5.55 18.15
N PRO A 77 12.53 -5.22 17.28
CA PRO A 77 13.07 -6.28 16.39
C PRO A 77 13.47 -7.52 17.16
N ASN A 78 14.12 -7.35 18.32
CA ASN A 78 14.55 -8.49 19.11
C ASN A 78 13.37 -9.18 19.78
N ALA A 79 12.56 -8.41 20.51
CA ALA A 79 11.39 -8.95 21.20
C ALA A 79 10.51 -9.77 20.27
N LEU A 80 10.26 -9.28 19.06
CA LEU A 80 9.36 -9.92 18.12
C LEU A 80 10.09 -10.81 17.11
N SER A 81 11.36 -11.13 17.35
CA SER A 81 12.14 -11.86 16.35
C SER A 81 11.45 -13.15 15.94
N ALA A 82 11.03 -13.94 16.91
CA ALA A 82 10.48 -15.26 16.62
C ALA A 82 9.15 -15.15 15.87
N LEU A 83 8.31 -14.17 16.23
CA LEU A 83 7.05 -13.96 15.51
C LEU A 83 7.27 -13.43 14.10
N SER A 84 8.34 -12.66 13.87
CA SER A 84 8.67 -12.21 12.52
C SER A 84 8.99 -13.39 11.62
N ASP A 85 9.80 -14.33 12.13
CA ASP A 85 10.09 -15.57 11.39
C ASP A 85 8.81 -16.33 11.08
N LEU A 86 7.98 -16.53 12.09
CA LEU A 86 6.73 -17.25 11.90
C LEU A 86 5.87 -16.63 10.80
N HIS A 87 5.67 -15.30 10.84
CA HIS A 87 4.71 -14.68 9.94
C HIS A 87 5.24 -14.59 8.50
N ALA A 88 6.53 -14.30 8.31
CA ALA A 88 7.10 -14.23 6.96
C ALA A 88 7.39 -15.62 6.36
N HIS A 89 8.12 -16.47 7.09
CA HIS A 89 8.59 -17.74 6.56
C HIS A 89 7.49 -18.80 6.50
N LYS A 90 6.94 -19.18 7.65
CA LYS A 90 6.01 -20.30 7.67
C LYS A 90 4.65 -19.90 7.13
N LEU A 91 4.10 -18.79 7.64
CA LEU A 91 2.72 -18.46 7.30
C LEU A 91 2.65 -17.69 6.00
N ARG A 92 3.72 -17.00 5.62
CA ARG A 92 3.77 -16.22 4.39
C ARG A 92 2.64 -15.20 4.35
N VAL A 93 2.51 -14.42 5.44
CA VAL A 93 1.41 -13.45 5.51
C VAL A 93 1.70 -12.27 4.58
N ASP A 94 0.75 -11.98 3.74
CA ASP A 94 0.82 -10.81 2.87
C ASP A 94 0.99 -9.53 3.70
N PRO A 95 1.98 -8.67 3.39
CA PRO A 95 2.16 -7.44 4.17
C PRO A 95 0.94 -6.55 4.23
N VAL A 96 0.10 -6.54 3.19
CA VAL A 96 -1.13 -5.76 3.21
C VAL A 96 -1.96 -6.11 4.42
N ASN A 97 -1.91 -7.37 4.85
CA ASN A 97 -2.84 -7.79 5.89
C ASN A 97 -2.48 -7.22 7.25
N PHE A 98 -1.23 -6.83 7.46
CA PHE A 98 -0.89 -6.17 8.73
C PHE A 98 -1.56 -4.81 8.84
N LYS A 99 -1.66 -4.08 7.71
CA LYS A 99 -2.43 -2.83 7.68
C LYS A 99 -3.88 -3.06 8.07
N LEU A 100 -4.46 -4.17 7.61
CA LEU A 100 -5.87 -4.43 7.89
C LEU A 100 -6.07 -4.73 9.36
N LEU A 101 -5.21 -5.56 9.96
CA LEU A 101 -5.39 -5.87 11.37
C LEU A 101 -5.07 -4.67 12.25
N SER A 102 -4.06 -3.88 11.85
CA SER A 102 -3.74 -2.67 12.61
C SER A 102 -4.94 -1.74 12.67
N HIS A 103 -5.58 -1.52 11.52
CA HIS A 103 -6.77 -0.68 11.48
C HIS A 103 -7.85 -1.24 12.40
N CYS A 104 -8.06 -2.56 12.37
CA CYS A 104 -9.10 -3.18 13.21
C CYS A 104 -8.75 -3.10 14.70
N LEU A 105 -7.46 -3.17 15.05
CA LEU A 105 -7.06 -2.92 16.43
C LEU A 105 -7.37 -1.49 16.86
N LEU A 106 -7.11 -0.50 15.98
CA LEU A 106 -7.47 0.88 16.27
C LEU A 106 -8.97 1.02 16.46
N VAL A 107 -9.77 0.43 15.58
CA VAL A 107 -11.22 0.55 15.69
C VAL A 107 -11.69 -0.04 17.02
N THR A 108 -11.11 -1.17 17.44
CA THR A 108 -11.47 -1.83 18.69
C THR A 108 -11.14 -0.95 19.90
N LEU A 109 -9.93 -0.36 19.91
CA LEU A 109 -9.56 0.57 20.99
C LEU A 109 -10.50 1.76 21.02
N ALA A 110 -10.81 2.32 19.85
CA ALA A 110 -11.67 3.50 19.77
C ALA A 110 -13.09 3.18 20.25
N ALA A 111 -13.58 1.98 19.93
CA ALA A 111 -14.93 1.58 20.39
C ALA A 111 -14.99 1.35 21.89
N HIS A 112 -13.85 1.15 22.56
CA HIS A 112 -13.82 0.78 23.97
C HIS A 112 -13.20 1.81 24.89
N LEU A 113 -12.39 2.74 24.38
CA LEU A 113 -11.72 3.73 25.24
C LEU A 113 -12.01 5.14 24.74
N PRO A 114 -13.22 5.64 24.97
CA PRO A 114 -13.59 6.95 24.41
C PRO A 114 -12.72 8.09 24.93
N ALA A 115 -12.38 8.08 26.22
CA ALA A 115 -11.56 9.17 26.76
C ALA A 115 -10.11 9.09 26.27
N GLU A 116 -9.58 7.87 26.12
CA GLU A 116 -8.16 7.74 25.77
C GLU A 116 -7.88 7.94 24.28
N PHE A 117 -8.84 7.66 23.40
CA PHE A 117 -8.61 7.70 21.96
C PHE A 117 -8.69 9.12 21.39
N THR A 118 -7.86 10.02 21.94
CA THR A 118 -7.73 11.37 21.41
C THR A 118 -7.01 11.35 20.07
N PRO A 119 -7.05 12.44 19.29
CA PRO A 119 -6.26 12.45 18.05
C PRO A 119 -4.78 12.18 18.26
N ALA A 120 -4.18 12.69 19.34
CA ALA A 120 -2.76 12.44 19.57
C ALA A 120 -2.50 10.95 19.85
N VAL A 121 -3.32 10.34 20.71
CA VAL A 121 -3.10 8.96 21.10
C VAL A 121 -3.41 8.04 19.93
N HIS A 122 -4.40 8.42 19.12
CA HIS A 122 -4.68 7.73 17.85
C HIS A 122 -3.44 7.77 16.93
N ALA A 123 -2.82 8.95 16.76
CA ALA A 123 -1.57 9.01 15.99
C ALA A 123 -0.48 8.13 16.58
N SER A 124 -0.29 8.17 17.90
CA SER A 124 0.76 7.37 18.52
C SER A 124 0.49 5.88 18.34
N LEU A 125 -0.76 5.46 18.51
CA LEU A 125 -1.11 4.04 18.34
C LEU A 125 -0.91 3.59 16.90
N ASP A 126 -1.29 4.41 15.95
CA ASP A 126 -1.05 4.06 14.55
C ASP A 126 0.43 3.87 14.26
N LYS A 127 1.28 4.77 14.77
CA LYS A 127 2.72 4.60 14.56
C LYS A 127 3.25 3.35 15.24
N PHE A 128 2.73 3.04 16.43
CA PHE A 128 3.16 1.84 17.15
C PHE A 128 2.79 0.58 16.37
N LEU A 129 1.56 0.51 15.90
CA LEU A 129 1.14 -0.68 15.17
C LEU A 129 1.87 -0.77 13.83
N ALA A 130 2.12 0.38 13.19
CA ALA A 130 2.97 0.37 11.99
C ALA A 130 4.37 -0.16 12.31
N SER A 131 4.93 0.25 13.45
CA SER A 131 6.26 -0.25 13.84
C SER A 131 6.25 -1.75 14.07
N VAL A 132 5.23 -2.26 14.76
CA VAL A 132 5.08 -3.71 14.95
C VAL A 132 4.94 -4.40 13.60
N SER A 133 4.12 -3.84 12.71
CA SER A 133 3.94 -4.42 11.39
C SER A 133 5.25 -4.43 10.59
N THR A 134 6.04 -3.35 10.69
CA THR A 134 7.34 -3.34 10.02
C THR A 134 8.24 -4.49 10.49
N VAL A 135 8.30 -4.71 11.81
CA VAL A 135 9.09 -5.82 12.34
C VAL A 135 8.55 -7.15 11.85
N LEU A 136 7.23 -7.36 11.98
CA LEU A 136 6.65 -8.64 11.61
C LEU A 136 6.77 -8.94 10.11
N THR A 137 7.03 -7.92 9.28
CA THR A 137 7.25 -8.12 7.87
C THR A 137 8.73 -8.04 7.50
N SER A 138 9.62 -7.97 8.50
CA SER A 138 11.03 -7.67 8.23
C SER A 138 11.78 -8.86 7.65
N LYS A 139 11.27 -10.08 7.86
CA LYS A 139 11.96 -11.28 7.43
C LYS A 139 11.48 -11.78 6.07
N VAL B 1 -19.77 -2.28 -4.96
CA VAL B 1 -20.44 -1.69 -3.80
C VAL B 1 -21.94 -2.07 -3.78
N HIS B 2 -22.19 -3.36 -3.61
CA HIS B 2 -23.53 -3.83 -3.31
C HIS B 2 -23.59 -4.14 -1.81
N LEU B 3 -24.41 -3.40 -1.08
CA LEU B 3 -24.70 -3.75 0.29
C LEU B 3 -25.92 -4.64 0.31
N THR B 4 -25.91 -5.63 1.20
CA THR B 4 -27.12 -6.38 1.47
C THR B 4 -28.11 -5.46 2.18
N PRO B 5 -29.41 -5.83 2.21
CA PRO B 5 -30.34 -4.99 2.97
C PRO B 5 -29.97 -4.86 4.44
N GLU B 6 -29.47 -5.94 5.07
CA GLU B 6 -29.00 -5.83 6.45
C GLU B 6 -27.79 -4.91 6.57
N GLU B 7 -26.88 -4.94 5.59
CA GLU B 7 -25.79 -3.98 5.57
C GLU B 7 -26.32 -2.56 5.39
N LYS B 8 -27.22 -2.38 4.42
CA LYS B 8 -27.84 -1.07 4.21
C LYS B 8 -28.51 -0.60 5.50
N SER B 9 -29.24 -1.50 6.14
CA SER B 9 -29.94 -1.18 7.37
C SER B 9 -28.98 -0.69 8.44
N ALA B 10 -27.92 -1.48 8.70
CA ALA B 10 -26.95 -1.09 9.73
C ALA B 10 -26.31 0.26 9.40
N VAL B 11 -25.98 0.50 8.13
CA VAL B 11 -25.33 1.75 7.77
C VAL B 11 -26.27 2.93 7.95
N THR B 12 -27.45 2.87 7.35
CA THR B 12 -28.36 4.02 7.37
C THR B 12 -28.78 4.38 8.79
N ALA B 13 -29.01 3.38 9.63
CA ALA B 13 -29.51 3.66 10.97
C ALA B 13 -28.47 4.41 11.80
N LEU B 14 -27.21 4.00 11.73
CA LEU B 14 -26.16 4.70 12.44
C LEU B 14 -25.99 6.11 11.87
N TRP B 15 -26.07 6.23 10.55
CA TRP B 15 -25.75 7.50 9.93
C TRP B 15 -26.75 8.58 10.31
N GLY B 16 -28.02 8.20 10.48
CA GLY B 16 -29.01 9.16 10.95
C GLY B 16 -28.66 9.77 12.28
N LYS B 17 -27.84 9.10 13.08
CA LYS B 17 -27.44 9.60 14.39
C LYS B 17 -26.15 10.41 14.35
N VAL B 18 -25.56 10.61 13.17
CA VAL B 18 -24.26 11.27 13.08
C VAL B 18 -24.45 12.77 13.20
N ASN B 19 -23.62 13.42 14.01
CA ASN B 19 -23.60 14.88 14.10
C ASN B 19 -22.85 15.40 12.88
N VAL B 20 -23.60 15.83 11.87
CA VAL B 20 -23.01 16.21 10.59
C VAL B 20 -22.33 17.57 10.63
N ASP B 21 -22.49 18.33 11.70
CA ASP B 21 -21.69 19.53 11.88
C ASP B 21 -20.28 19.23 12.40
N GLU B 22 -20.06 18.04 12.97
CA GLU B 22 -18.82 17.78 13.70
C GLU B 22 -17.98 16.62 13.15
N VAL B 23 -18.62 15.56 12.65
CA VAL B 23 -17.89 14.31 12.45
C VAL B 23 -16.91 14.44 11.29
N GLY B 24 -17.32 15.13 10.21
CA GLY B 24 -16.41 15.37 9.11
C GLY B 24 -15.18 16.15 9.53
N GLY B 25 -15.36 17.10 10.46
CA GLY B 25 -14.21 17.84 10.96
C GLY B 25 -13.32 17.00 11.84
N GLU B 26 -13.91 16.15 12.69
CA GLU B 26 -13.12 15.18 13.44
C GLU B 26 -12.29 14.29 12.51
N ALA B 27 -12.89 13.84 11.40
CA ALA B 27 -12.19 12.90 10.52
C ALA B 27 -11.05 13.59 9.79
N LEU B 28 -11.34 14.75 9.18
CA LEU B 28 -10.29 15.51 8.50
C LEU B 28 -9.14 15.85 9.43
N GLY B 29 -9.46 16.34 10.64
CA GLY B 29 -8.40 16.68 11.59
C GLY B 29 -7.50 15.49 11.90
N ARG B 30 -8.11 14.38 12.32
CA ARG B 30 -7.36 13.15 12.57
C ARG B 30 -6.51 12.76 11.36
N LEU B 31 -7.06 12.88 10.15
CA LEU B 31 -6.27 12.56 8.95
C LEU B 31 -4.99 13.38 8.93
N LEU B 32 -5.10 14.69 9.17
CA LEU B 32 -3.94 15.58 9.16
C LEU B 32 -2.98 15.25 10.29
N VAL B 33 -3.50 14.81 11.43
CA VAL B 33 -2.66 14.54 12.58
C VAL B 33 -2.00 13.18 12.46
N VAL B 34 -2.75 12.16 12.02
CA VAL B 34 -2.25 10.79 11.95
C VAL B 34 -1.36 10.59 10.72
N TYR B 35 -1.73 11.23 9.61
CA TYR B 35 -1.02 11.10 8.33
C TYR B 35 -0.53 12.49 7.89
N PRO B 36 0.50 13.00 8.56
CA PRO B 36 0.85 14.43 8.42
C PRO B 36 1.26 14.84 7.02
N TRP B 37 1.61 13.89 6.14
CA TRP B 37 1.90 14.30 4.77
C TRP B 37 0.66 14.90 4.11
N THR B 38 -0.54 14.53 4.57
CA THR B 38 -1.73 15.13 3.99
C THR B 38 -1.79 16.65 4.22
N GLN B 39 -1.07 17.17 5.21
CA GLN B 39 -1.01 18.60 5.46
C GLN B 39 -0.42 19.36 4.27
N ARG B 40 0.26 18.65 3.37
N ARG B 40 0.24 18.65 3.34
CA ARG B 40 0.73 19.24 2.12
CA ARG B 40 0.73 19.28 2.13
C ARG B 40 -0.39 19.94 1.37
C ARG B 40 -0.39 19.94 1.34
N PHE B 41 -1.59 19.37 1.37
CA PHE B 41 -2.70 19.87 0.58
C PHE B 41 -3.53 20.95 1.29
N PHE B 42 -3.15 21.33 2.50
CA PHE B 42 -3.99 22.19 3.31
C PHE B 42 -3.18 23.29 3.98
N GLU B 43 -2.13 23.77 3.31
CA GLU B 43 -1.26 24.78 3.89
C GLU B 43 -1.99 26.10 4.10
N SER B 44 -3.04 26.37 3.31
CA SER B 44 -3.81 27.60 3.46
C SER B 44 -4.66 27.61 4.73
N PHE B 45 -4.77 26.49 5.43
CA PHE B 45 -5.61 26.39 6.62
C PHE B 45 -4.96 26.98 7.86
N GLY B 46 -3.66 27.26 7.83
CA GLY B 46 -3.02 28.00 8.89
C GLY B 46 -2.35 27.08 9.90
N ASP B 47 -2.61 27.32 11.18
CA ASP B 47 -1.90 26.63 12.25
C ASP B 47 -2.30 25.16 12.26
N LEU B 48 -1.34 24.30 11.88
CA LEU B 48 -1.50 22.85 11.92
C LEU B 48 -0.37 22.20 12.72
N SER B 49 0.25 22.96 13.62
CA SER B 49 1.53 22.58 14.22
C SER B 49 1.37 21.55 15.33
N THR B 50 0.23 21.52 15.99
CA THR B 50 -0.07 20.60 17.07
C THR B 50 -1.43 19.94 16.84
N PRO B 51 -1.69 18.79 17.47
CA PRO B 51 -3.04 18.19 17.32
C PRO B 51 -4.15 19.11 17.80
N ASP B 52 -4.00 19.73 18.98
CA ASP B 52 -4.99 20.72 19.42
C ASP B 52 -5.18 21.81 18.37
N ALA B 53 -4.09 22.32 17.81
CA ALA B 53 -4.21 23.37 16.80
C ALA B 53 -5.00 22.88 15.59
N VAL B 54 -4.85 21.59 15.24
CA VAL B 54 -5.55 21.06 14.08
C VAL B 54 -7.03 20.85 14.40
N MET B 55 -7.32 20.08 15.45
CA MET B 55 -8.71 19.85 15.85
C MET B 55 -9.47 21.15 16.12
N GLY B 56 -8.82 22.16 16.69
CA GLY B 56 -9.48 23.41 16.94
C GLY B 56 -9.47 24.42 15.80
N ASN B 57 -8.89 24.06 14.66
CA ASN B 57 -8.80 24.99 13.53
C ASN B 57 -10.18 25.18 12.92
N PRO B 58 -10.67 26.42 12.80
CA PRO B 58 -12.01 26.62 12.23
C PRO B 58 -12.10 26.20 10.78
N LYS B 59 -11.02 26.32 10.01
CA LYS B 59 -11.08 25.89 8.61
C LYS B 59 -11.09 24.37 8.49
N VAL B 60 -10.49 23.66 9.43
CA VAL B 60 -10.60 22.21 9.43
C VAL B 60 -12.05 21.79 9.63
N LYS B 61 -12.69 22.33 10.68
CA LYS B 61 -14.11 22.05 10.91
C LYS B 61 -14.95 22.41 9.69
N ALA B 62 -14.69 23.58 9.11
CA ALA B 62 -15.53 24.04 8.01
C ALA B 62 -15.37 23.14 6.79
N HIS B 63 -14.12 22.79 6.44
CA HIS B 63 -13.94 21.96 5.24
C HIS B 63 -14.45 20.54 5.46
N GLY B 64 -14.27 20.00 6.67
CA GLY B 64 -14.75 18.66 6.95
C GLY B 64 -16.25 18.52 6.80
N LYS B 65 -16.99 19.61 7.02
CA LYS B 65 -18.43 19.60 6.81
C LYS B 65 -18.76 19.24 5.37
N LYS B 66 -18.05 19.83 4.42
CA LYS B 66 -18.26 19.52 3.02
C LYS B 66 -17.85 18.08 2.71
N VAL B 67 -16.71 17.63 3.26
CA VAL B 67 -16.28 16.25 3.05
C VAL B 67 -17.37 15.29 3.52
N LEU B 68 -17.87 15.49 4.74
CA LEU B 68 -18.91 14.62 5.27
C LEU B 68 -20.15 14.66 4.39
N GLY B 69 -20.49 15.84 3.87
CA GLY B 69 -21.61 15.95 2.96
C GLY B 69 -21.47 15.06 1.74
N ALA B 70 -20.24 14.93 1.23
CA ALA B 70 -20.02 14.05 0.08
C ALA B 70 -20.16 12.59 0.47
N PHE B 71 -19.67 12.20 1.65
CA PHE B 71 -19.97 10.87 2.15
C PHE B 71 -21.48 10.66 2.26
N SER B 72 -22.19 11.64 2.85
CA SER B 72 -23.64 11.50 2.96
C SER B 72 -24.27 11.33 1.58
N ASP B 73 -23.78 12.10 0.60
CA ASP B 73 -24.19 11.93 -0.79
C ASP B 73 -23.98 10.49 -1.27
N GLY B 74 -22.79 9.93 -1.03
CA GLY B 74 -22.54 8.58 -1.51
C GLY B 74 -23.46 7.56 -0.87
N LEU B 75 -23.78 7.76 0.42
CA LEU B 75 -24.70 6.85 1.10
C LEU B 75 -26.09 6.87 0.49
N ALA B 76 -26.45 7.93 -0.22
CA ALA B 76 -27.73 8.02 -0.88
C ALA B 76 -27.75 7.38 -2.26
N HIS B 77 -26.59 7.22 -2.89
CA HIS B 77 -26.47 6.70 -4.25
C HIS B 77 -25.46 5.57 -4.28
N LEU B 78 -25.61 4.64 -3.35
CA LEU B 78 -24.65 3.54 -3.20
C LEU B 78 -24.49 2.75 -4.49
N ASP B 79 -25.56 2.59 -5.26
CA ASP B 79 -25.54 1.81 -6.49
C ASP B 79 -25.10 2.63 -7.70
N ASN B 80 -24.72 3.90 -7.51
CA ASN B 80 -24.11 4.74 -8.55
C ASN B 80 -23.14 5.72 -7.87
N LEU B 81 -22.03 5.17 -7.37
CA LEU B 81 -21.03 6.02 -6.74
C LEU B 81 -20.19 6.74 -7.78
N LYS B 82 -19.91 6.10 -8.91
CA LYS B 82 -19.04 6.71 -9.91
C LYS B 82 -19.63 8.03 -10.40
N GLY B 83 -20.94 8.02 -10.71
CA GLY B 83 -21.58 9.25 -11.16
C GLY B 83 -21.62 10.32 -10.09
N THR B 84 -21.98 9.94 -8.86
CA THR B 84 -22.01 10.90 -7.77
C THR B 84 -20.67 11.62 -7.59
N PHE B 85 -19.55 10.91 -7.79
CA PHE B 85 -18.25 11.44 -7.41
C PHE B 85 -17.42 11.92 -8.60
N ALA B 86 -18.00 11.95 -9.81
CA ALA B 86 -17.24 12.33 -11.01
C ALA B 86 -16.55 13.68 -10.86
N THR B 87 -17.30 14.71 -10.44
CA THR B 87 -16.71 16.04 -10.29
C THR B 87 -15.63 16.06 -9.21
N LEU B 88 -15.86 15.37 -8.09
CA LEU B 88 -14.85 15.35 -7.05
C LEU B 88 -13.62 14.57 -7.50
N SER B 89 -13.82 13.56 -8.34
CA SER B 89 -12.70 12.78 -8.87
C SER B 89 -11.84 13.63 -9.80
N GLU B 90 -12.49 14.37 -10.71
CA GLU B 90 -11.78 15.34 -11.53
C GLU B 90 -10.96 16.29 -10.66
N LEU B 91 -11.55 16.77 -9.57
CA LEU B 91 -10.86 17.74 -8.73
C LEU B 91 -9.67 17.11 -8.03
N HIS B 92 -9.87 15.94 -7.42
CA HIS B 92 -8.84 15.33 -6.59
C HIS B 92 -7.75 14.67 -7.42
N CYS B 93 -8.11 14.16 -8.59
CA CYS B 93 -7.16 13.46 -9.43
C CYS B 93 -6.50 14.42 -10.43
N ASP B 94 -7.31 15.06 -11.30
CA ASP B 94 -6.75 15.92 -12.34
C ASP B 94 -6.19 17.24 -11.78
N LYS B 95 -6.89 17.86 -10.84
CA LYS B 95 -6.42 19.15 -10.35
C LYS B 95 -5.47 19.02 -9.17
N LEU B 96 -5.87 18.27 -8.14
CA LEU B 96 -5.10 18.24 -6.91
C LEU B 96 -3.96 17.22 -6.95
N HIS B 97 -4.10 16.14 -7.73
CA HIS B 97 -3.12 15.07 -7.77
C HIS B 97 -2.86 14.50 -6.37
N VAL B 98 -3.95 14.19 -5.65
CA VAL B 98 -3.83 13.48 -4.38
C VAL B 98 -3.66 12.00 -4.70
N ASP B 99 -2.70 11.35 -4.07
CA ASP B 99 -2.59 9.92 -4.33
C ASP B 99 -3.82 9.22 -3.77
N PRO B 100 -4.44 8.34 -4.54
CA PRO B 100 -5.72 7.74 -4.10
C PRO B 100 -5.61 6.85 -2.89
N GLU B 101 -4.39 6.43 -2.50
CA GLU B 101 -4.27 5.66 -1.26
C GLU B 101 -4.79 6.47 -0.09
N ASN B 102 -4.75 7.80 -0.20
CA ASN B 102 -5.21 8.67 0.88
C ASN B 102 -6.74 8.74 0.96
N PHE B 103 -7.45 8.42 -0.12
CA PHE B 103 -8.89 8.21 -0.04
C PHE B 103 -9.20 7.04 0.89
N ARG B 104 -8.47 5.94 0.72
CA ARG B 104 -8.60 4.80 1.64
C ARG B 104 -8.33 5.22 3.08
N LEU B 105 -7.26 5.99 3.30
CA LEU B 105 -6.90 6.39 4.65
C LEU B 105 -8.00 7.24 5.29
N LEU B 106 -8.51 8.24 4.56
CA LEU B 106 -9.58 9.06 5.11
C LEU B 106 -10.80 8.22 5.44
N GLY B 107 -11.15 7.27 4.58
CA GLY B 107 -12.27 6.38 4.88
C GLY B 107 -12.05 5.56 6.13
N ASN B 108 -10.83 5.00 6.29
CA ASN B 108 -10.52 4.30 7.54
C ASN B 108 -10.53 5.24 8.74
N VAL B 109 -10.10 6.48 8.56
CA VAL B 109 -10.14 7.41 9.69
C VAL B 109 -11.58 7.72 10.07
N LEU B 110 -12.43 7.93 9.07
CA LEU B 110 -13.87 8.11 9.34
C LEU B 110 -14.41 6.95 10.15
N VAL B 111 -14.05 5.72 9.77
CA VAL B 111 -14.52 4.54 10.50
C VAL B 111 -14.05 4.60 11.95
N CYS B 112 -12.80 5.05 12.18
CA CYS B 112 -12.32 5.17 13.56
C CYS B 112 -13.13 6.20 14.35
N VAL B 113 -13.50 7.30 13.69
CA VAL B 113 -14.33 8.32 14.35
C VAL B 113 -15.69 7.76 14.71
N LEU B 114 -16.29 6.96 13.81
CA LEU B 114 -17.58 6.36 14.08
C LEU B 114 -17.50 5.42 15.26
N ALA B 115 -16.43 4.60 15.30
CA ALA B 115 -16.24 3.70 16.41
C ALA B 115 -16.10 4.46 17.73
N HIS B 116 -15.27 5.49 17.73
CA HIS B 116 -15.08 6.33 18.90
C HIS B 116 -16.40 6.91 19.39
N HIS B 117 -17.22 7.42 18.47
CA HIS B 117 -18.44 8.11 18.85
C HIS B 117 -19.58 7.17 19.23
N PHE B 118 -19.60 5.96 18.67
CA PHE B 118 -20.72 5.06 18.88
C PHE B 118 -20.38 3.86 19.77
N GLY B 119 -19.09 3.61 20.04
CA GLY B 119 -18.75 2.59 21.01
C GLY B 119 -19.29 1.22 20.62
N LYS B 120 -19.78 0.47 21.62
CA LYS B 120 -20.44 -0.82 21.48
C LYS B 120 -21.38 -0.89 20.29
N GLU B 121 -22.05 0.23 20.00
CA GLU B 121 -23.03 0.23 18.92
C GLU B 121 -22.35 0.01 17.56
N PHE B 122 -21.05 0.31 17.48
CA PHE B 122 -20.29 0.15 16.25
C PHE B 122 -19.74 -1.27 16.21
N THR B 123 -20.66 -2.21 16.00
CA THR B 123 -20.38 -3.62 16.12
C THR B 123 -19.49 -4.06 14.96
N PRO B 124 -18.89 -5.24 15.03
CA PRO B 124 -18.07 -5.71 13.89
C PRO B 124 -18.87 -5.85 12.61
N PRO B 125 -20.14 -6.33 12.65
CA PRO B 125 -20.94 -6.29 11.40
C PRO B 125 -21.20 -4.89 10.89
N VAL B 126 -21.49 -3.94 11.80
CA VAL B 126 -21.70 -2.57 11.34
C VAL B 126 -20.43 -2.03 10.68
N GLN B 127 -19.29 -2.32 11.29
CA GLN B 127 -18.02 -1.90 10.67
C GLN B 127 -17.87 -2.49 9.28
N ALA B 128 -18.15 -3.78 9.13
CA ALA B 128 -17.89 -4.43 7.84
C ALA B 128 -18.71 -3.78 6.74
N ALA B 129 -19.94 -3.36 7.07
CA ALA B 129 -20.78 -2.62 6.13
C ALA B 129 -20.19 -1.25 5.82
N TYR B 130 -19.75 -0.51 6.84
CA TYR B 130 -19.10 0.76 6.57
C TYR B 130 -17.81 0.59 5.75
N GLN B 131 -17.08 -0.51 5.94
CA GLN B 131 -15.88 -0.70 5.12
C GLN B 131 -16.24 -0.85 3.65
N LYS B 132 -17.34 -1.57 3.35
CA LYS B 132 -17.77 -1.63 1.96
C LYS B 132 -18.09 -0.24 1.45
N VAL B 133 -18.67 0.61 2.29
CA VAL B 133 -19.02 1.96 1.86
C VAL B 133 -17.76 2.80 1.60
N VAL B 134 -16.85 2.88 2.57
CA VAL B 134 -15.72 3.79 2.34
C VAL B 134 -14.83 3.25 1.23
N ALA B 135 -14.77 1.92 1.06
CA ALA B 135 -14.08 1.37 -0.10
C ALA B 135 -14.71 1.85 -1.40
N GLY B 136 -16.05 1.78 -1.49
CA GLY B 136 -16.73 2.22 -2.71
C GLY B 136 -16.49 3.68 -3.02
N VAL B 137 -16.55 4.55 -2.00
CA VAL B 137 -16.31 5.98 -2.18
C VAL B 137 -14.88 6.23 -2.70
N ALA B 138 -13.88 5.67 -2.03
CA ALA B 138 -12.50 5.84 -2.48
C ALA B 138 -12.33 5.37 -3.93
N ASN B 139 -12.89 4.22 -4.28
CA ASN B 139 -12.76 3.71 -5.65
C ASN B 139 -13.41 4.66 -6.65
N ALA B 140 -14.57 5.22 -6.29
CA ALA B 140 -15.25 6.15 -7.17
C ALA B 140 -14.46 7.45 -7.29
N LEU B 141 -13.99 7.98 -6.17
CA LEU B 141 -13.16 9.18 -6.21
C LEU B 141 -11.88 8.96 -7.00
N ALA B 142 -11.41 7.71 -7.10
CA ALA B 142 -10.20 7.44 -7.86
C ALA B 142 -10.46 7.08 -9.32
N HIS B 143 -11.72 7.12 -9.76
CA HIS B 143 -12.02 6.65 -11.12
C HIS B 143 -11.22 7.41 -12.17
N LYS B 144 -11.02 8.71 -11.97
CA LYS B 144 -10.28 9.51 -12.95
C LYS B 144 -8.82 9.04 -13.10
N TYR B 145 -8.30 8.27 -12.15
CA TYR B 145 -7.00 7.62 -12.34
C TYR B 145 -7.11 6.30 -13.11
N HIS B 146 -8.25 5.62 -13.01
CA HIS B 146 -8.39 4.27 -13.56
C HIS B 146 -8.61 4.27 -15.06
N VAL C 1 15.77 -8.24 7.78
CA VAL C 1 16.93 -7.44 7.43
C VAL C 1 17.43 -7.90 6.06
N LEU C 2 18.40 -7.17 5.49
CA LEU C 2 19.11 -7.64 4.31
C LEU C 2 20.08 -8.76 4.68
N SER C 3 19.97 -9.88 4.00
CA SER C 3 20.86 -11.01 4.22
C SER C 3 22.26 -10.73 3.65
N PRO C 4 23.26 -11.50 4.08
CA PRO C 4 24.58 -11.39 3.44
C PRO C 4 24.51 -11.53 1.92
N ALA C 5 23.70 -12.46 1.42
CA ALA C 5 23.57 -12.61 -0.03
C ALA C 5 22.98 -11.35 -0.66
N ASP C 6 21.92 -10.79 -0.04
CA ASP C 6 21.36 -9.53 -0.52
C ASP C 6 22.42 -8.43 -0.57
N LYS C 7 23.21 -8.30 0.50
CA LYS C 7 24.25 -7.27 0.53
C LYS C 7 25.24 -7.47 -0.61
N THR C 8 25.68 -8.72 -0.81
CA THR C 8 26.57 -9.03 -1.91
C THR C 8 25.94 -8.68 -3.25
N ASN C 9 24.67 -9.07 -3.46
CA ASN C 9 24.03 -8.83 -4.76
C ASN C 9 23.92 -7.34 -5.05
N VAL C 10 23.45 -6.58 -4.06
CA VAL C 10 23.28 -5.14 -4.23
C VAL C 10 24.62 -4.49 -4.54
N LYS C 11 25.63 -4.79 -3.73
CA LYS C 11 26.99 -4.33 -3.95
C LYS C 11 27.43 -4.56 -5.40
N ALA C 12 27.27 -5.80 -5.88
CA ALA C 12 27.77 -6.13 -7.21
C ALA C 12 26.98 -5.43 -8.31
N ALA C 13 25.66 -5.36 -8.16
CA ALA C 13 24.86 -4.63 -9.14
C ALA C 13 25.24 -3.15 -9.16
N TRP C 14 25.37 -2.56 -7.98
CA TRP C 14 25.88 -1.19 -7.91
C TRP C 14 27.26 -1.07 -8.54
N GLY C 15 28.14 -2.03 -8.28
CA GLY C 15 29.46 -2.00 -8.90
C GLY C 15 29.39 -1.87 -10.40
N LYS C 16 28.44 -2.58 -11.03
CA LYS C 16 28.37 -2.57 -12.49
C LYS C 16 27.70 -1.32 -13.05
N VAL C 17 26.86 -0.64 -12.26
CA VAL C 17 26.29 0.64 -12.69
C VAL C 17 27.39 1.68 -12.89
N GLY C 18 28.41 1.65 -12.02
CA GLY C 18 29.60 2.46 -12.23
C GLY C 18 29.29 3.94 -12.28
N ALA C 19 30.02 4.65 -13.15
CA ALA C 19 29.89 6.09 -13.33
C ALA C 19 28.59 6.50 -14.03
N HIS C 20 27.73 5.56 -14.41
CA HIS C 20 26.41 5.91 -14.91
C HIS C 20 25.39 6.14 -13.80
N ALA C 21 25.80 6.05 -12.52
CA ALA C 21 24.87 6.18 -11.41
C ALA C 21 24.04 7.46 -11.53
N GLY C 22 24.70 8.60 -11.73
CA GLY C 22 23.98 9.86 -11.83
C GLY C 22 22.96 9.87 -12.96
N GLU C 23 23.39 9.43 -14.15
CA GLU C 23 22.48 9.29 -15.31
C GLU C 23 21.30 8.36 -15.01
N TYR C 24 21.57 7.22 -14.36
CA TYR C 24 20.47 6.30 -14.14
C TYR C 24 19.48 6.86 -13.14
N GLY C 25 19.97 7.66 -12.19
CA GLY C 25 19.05 8.27 -11.23
C GLY C 25 18.15 9.27 -11.92
N ALA C 26 18.73 10.05 -12.84
CA ALA C 26 17.93 10.96 -13.64
C ALA C 26 16.87 10.23 -14.47
N GLU C 27 17.25 9.11 -15.09
CA GLU C 27 16.30 8.34 -15.88
C GLU C 27 15.18 7.75 -15.01
N ALA C 28 15.53 7.29 -13.80
CA ALA C 28 14.49 6.75 -12.92
C ALA C 28 13.48 7.84 -12.55
N LEU C 29 13.97 9.04 -12.28
CA LEU C 29 13.07 10.16 -11.97
C LEU C 29 12.16 10.45 -13.17
N GLU C 30 12.73 10.50 -14.37
CA GLU C 30 11.89 10.73 -15.56
C GLU C 30 10.85 9.64 -15.74
N ARG C 31 11.25 8.37 -15.57
CA ARG C 31 10.29 7.28 -15.66
C ARG C 31 9.17 7.47 -14.63
N MET C 32 9.52 7.94 -13.44
CA MET C 32 8.51 8.14 -12.41
C MET C 32 7.56 9.28 -12.77
N PHE C 33 8.11 10.41 -13.25
CA PHE C 33 7.27 11.57 -13.57
C PHE C 33 6.31 11.26 -14.71
N LEU C 34 6.73 10.47 -15.68
CA LEU C 34 5.89 10.11 -16.82
C LEU C 34 4.89 9.03 -16.44
N SER C 35 5.29 8.06 -15.61
CA SER C 35 4.44 6.93 -15.33
C SER C 35 3.43 7.23 -14.24
N PHE C 36 3.83 8.06 -13.27
CA PHE C 36 3.03 8.34 -12.07
C PHE C 36 2.95 9.85 -11.93
N PRO C 37 2.10 10.51 -12.73
CA PRO C 37 2.15 11.97 -12.83
C PRO C 37 1.90 12.71 -11.53
N THR C 38 1.22 12.08 -10.55
N THR C 38 1.23 12.11 -10.53
CA THR C 38 0.98 12.68 -9.24
CA THR C 38 1.02 12.84 -9.29
C THR C 38 2.28 13.07 -8.53
C THR C 38 2.35 13.20 -8.63
N THR C 39 3.37 12.35 -8.80
CA THR C 39 4.66 12.67 -8.16
C THR C 39 5.21 14.01 -8.64
N LYS C 40 4.80 14.46 -9.84
CA LYS C 40 5.32 15.70 -10.39
C LYS C 40 5.09 16.89 -9.46
N THR C 41 4.04 16.85 -8.63
CA THR C 41 3.70 18.05 -7.87
C THR C 41 4.75 18.37 -6.82
N TYR C 42 5.61 17.41 -6.46
CA TYR C 42 6.66 17.67 -5.50
C TYR C 42 7.78 18.51 -6.08
N PHE C 43 7.82 18.69 -7.40
CA PHE C 43 8.88 19.46 -8.05
C PHE C 43 8.27 20.56 -8.92
N PRO C 44 7.61 21.56 -8.31
CA PRO C 44 7.03 22.65 -9.12
C PRO C 44 8.08 23.56 -9.73
N HIS C 45 9.16 23.79 -9.01
CA HIS C 45 10.29 24.62 -9.42
C HIS C 45 11.23 23.91 -10.37
N PHE C 46 10.92 22.67 -10.74
CA PHE C 46 11.71 21.92 -11.70
C PHE C 46 11.06 22.02 -13.08
N ASP C 47 11.88 22.15 -14.10
CA ASP C 47 11.42 21.78 -15.43
C ASP C 47 11.60 20.27 -15.56
N LEU C 48 10.52 19.54 -15.84
CA LEU C 48 10.59 18.09 -15.89
C LEU C 48 10.65 17.55 -17.30
N SER C 49 10.88 18.40 -18.30
CA SER C 49 10.99 17.93 -19.66
C SER C 49 12.26 17.11 -19.84
N HIS C 50 12.26 16.28 -20.87
CA HIS C 50 13.43 15.47 -21.18
C HIS C 50 14.68 16.34 -21.36
N GLY C 51 15.80 15.88 -20.80
CA GLY C 51 17.04 16.62 -20.92
C GLY C 51 17.19 17.75 -19.93
N SER C 52 16.28 17.88 -18.99
CA SER C 52 16.35 18.92 -17.98
C SER C 52 17.63 18.83 -17.17
N ALA C 53 18.40 19.92 -17.17
CA ALA C 53 19.56 20.02 -16.28
C ALA C 53 19.17 19.83 -14.82
N GLN C 54 17.95 20.22 -14.44
CA GLN C 54 17.57 20.11 -13.03
C GLN C 54 17.25 18.67 -12.66
N VAL C 55 16.55 17.94 -13.55
CA VAL C 55 16.36 16.50 -13.35
C VAL C 55 17.69 15.79 -13.33
N LYS C 56 18.60 16.16 -14.23
CA LYS C 56 19.95 15.57 -14.23
C LYS C 56 20.66 15.78 -12.90
N GLY C 57 20.69 17.01 -12.42
CA GLY C 57 21.39 17.30 -11.17
C GLY C 57 20.76 16.58 -10.01
N HIS C 58 19.44 16.49 -10.00
CA HIS C 58 18.77 15.81 -8.89
C HIS C 58 18.94 14.29 -8.96
N GLY C 59 18.98 13.73 -10.16
CA GLY C 59 19.25 12.30 -10.29
C GLY C 59 20.59 11.92 -9.68
N LYS C 60 21.59 12.78 -9.85
CA LYS C 60 22.89 12.52 -9.25
C LYS C 60 22.79 12.57 -7.72
N LYS C 61 22.09 13.57 -7.19
CA LYS C 61 21.82 13.64 -5.76
C LYS C 61 21.20 12.36 -5.23
N VAL C 62 20.18 11.88 -5.94
CA VAL C 62 19.47 10.65 -5.52
C VAL C 62 20.40 9.45 -5.58
N ALA C 63 21.10 9.28 -6.71
CA ALA C 63 22.07 8.19 -6.85
C ALA C 63 23.14 8.23 -5.74
N ASP C 64 23.64 9.43 -5.42
CA ASP C 64 24.65 9.54 -4.36
C ASP C 64 24.08 9.11 -3.01
N ALA C 65 22.80 9.42 -2.76
CA ALA C 65 22.14 8.97 -1.53
C ALA C 65 22.08 7.45 -1.47
N LEU C 66 21.68 6.83 -2.59
CA LEU C 66 21.60 5.37 -2.63
C LEU C 66 22.98 4.72 -2.46
N THR C 67 24.01 5.31 -3.09
CA THR C 67 25.37 4.81 -2.93
C THR C 67 25.85 4.93 -1.48
N ASN C 68 25.52 6.04 -0.80
CA ASN C 68 25.83 6.14 0.62
C ASN C 68 25.12 5.06 1.43
N ALA C 69 23.86 4.75 1.07
CA ALA C 69 23.14 3.68 1.74
C ALA C 69 23.80 2.32 1.48
N VAL C 70 24.21 2.06 0.24
CA VAL C 70 24.92 0.81 -0.07
C VAL C 70 26.21 0.72 0.75
N ALA C 71 26.95 1.82 0.82
CA ALA C 71 28.23 1.84 1.52
C ALA C 71 28.08 1.68 3.02
N HIS C 72 26.90 1.98 3.57
CA HIS C 72 26.62 1.91 5.00
C HIS C 72 25.36 1.12 5.24
N VAL C 73 25.31 -0.06 4.61
CA VAL C 73 24.11 -0.87 4.55
C VAL C 73 23.73 -1.38 5.94
N ASP C 74 24.70 -1.53 6.83
CA ASP C 74 24.43 -2.02 8.18
C ASP C 74 24.06 -0.88 9.13
N ASP C 75 23.98 0.34 8.64
CA ASP C 75 23.79 1.53 9.47
C ASP C 75 22.97 2.55 8.69
N MET C 76 22.01 2.07 7.89
CA MET C 76 21.17 2.94 7.07
C MET C 76 20.41 3.99 7.86
N PRO C 77 19.75 3.67 8.99
CA PRO C 77 19.05 4.73 9.74
C PRO C 77 19.96 5.91 10.05
N ASN C 78 21.19 5.66 10.51
CA ASN C 78 22.08 6.76 10.83
C ASN C 78 22.55 7.46 9.57
N ALA C 79 23.02 6.69 8.58
CA ALA C 79 23.51 7.28 7.33
C ALA C 79 22.47 8.18 6.67
N LEU C 80 21.19 7.77 6.67
CA LEU C 80 20.13 8.50 5.97
C LEU C 80 19.32 9.39 6.91
N SER C 81 19.82 9.66 8.11
CA SER C 81 19.03 10.41 9.10
C SER C 81 18.61 11.77 8.58
N ALA C 82 19.56 12.52 8.02
CA ALA C 82 19.27 13.87 7.57
C ALA C 82 18.24 13.86 6.44
N LEU C 83 18.34 12.87 5.53
CA LEU C 83 17.38 12.75 4.43
C LEU C 83 16.00 12.30 4.91
N SER C 84 15.93 11.47 5.96
CA SER C 84 14.63 11.08 6.51
C SER C 84 13.89 12.30 7.08
N ASP C 85 14.61 13.17 7.80
CA ASP C 85 14.02 14.42 8.29
C ASP C 85 13.52 15.28 7.15
N LEU C 86 14.38 15.49 6.14
CA LEU C 86 13.98 16.27 4.97
C LEU C 86 12.69 15.72 4.35
N HIS C 87 12.62 14.41 4.12
CA HIS C 87 11.50 13.87 3.34
C HIS C 87 10.18 13.85 4.13
N ALA C 88 10.22 13.51 5.42
CA ALA C 88 8.98 13.51 6.21
C ALA C 88 8.59 14.91 6.66
N HIS C 89 9.51 15.68 7.24
CA HIS C 89 9.17 16.95 7.90
C HIS C 89 8.98 18.08 6.90
N LYS C 90 10.00 18.38 6.09
CA LYS C 90 9.89 19.53 5.21
C LYS C 90 9.04 19.21 3.99
N LEU C 91 9.38 18.12 3.30
CA LEU C 91 8.76 17.90 2.00
C LEU C 91 7.40 17.22 2.14
N ARG C 92 7.18 16.51 3.24
CA ARG C 92 5.94 15.80 3.48
C ARG C 92 5.65 14.82 2.35
N VAL C 93 6.65 14.01 1.99
CA VAL C 93 6.47 13.08 0.87
C VAL C 93 5.57 11.93 1.30
N ASP C 94 4.48 11.78 0.59
CA ASP C 94 3.61 10.63 0.74
C ASP C 94 4.41 9.32 0.67
N PRO C 95 4.24 8.41 1.65
CA PRO C 95 4.99 7.12 1.62
C PRO C 95 4.75 6.29 0.38
N VAL C 96 3.56 6.37 -0.22
CA VAL C 96 3.27 5.64 -1.45
C VAL C 96 4.31 5.97 -2.51
N ASN C 97 4.80 7.20 -2.50
CA ASN C 97 5.65 7.63 -3.61
C ASN C 97 7.02 6.99 -3.58
N PHE C 98 7.46 6.54 -2.40
CA PHE C 98 8.73 5.80 -2.35
C PHE C 98 8.61 4.47 -3.08
N LYS C 99 7.44 3.82 -2.98
CA LYS C 99 7.20 2.61 -3.78
C LYS C 99 7.31 2.90 -5.27
N LEU C 100 6.79 4.05 -5.70
CA LEU C 100 6.78 4.35 -7.13
C LEU C 100 8.20 4.59 -7.63
N LEU C 101 8.99 5.33 -6.88
CA LEU C 101 10.36 5.60 -7.33
C LEU C 101 11.23 4.35 -7.23
N SER C 102 11.01 3.53 -6.19
CA SER C 102 11.74 2.27 -6.09
C SER C 102 11.51 1.41 -7.32
N HIS C 103 10.24 1.28 -7.72
CA HIS C 103 9.90 0.52 -8.93
C HIS C 103 10.63 1.10 -10.14
N CYS C 104 10.62 2.42 -10.28
CA CYS C 104 11.27 3.05 -11.43
C CYS C 104 12.79 2.88 -11.41
N LEU C 105 13.39 2.87 -10.22
CA LEU C 105 14.81 2.55 -10.10
C LEU C 105 15.09 1.12 -10.54
N LEU C 106 14.26 0.16 -10.12
CA LEU C 106 14.37 -1.21 -10.61
C LEU C 106 14.26 -1.27 -12.13
N VAL C 107 13.27 -0.57 -12.69
CA VAL C 107 13.07 -0.62 -14.13
C VAL C 107 14.30 -0.09 -14.85
N THR C 108 14.89 0.99 -14.32
CA THR C 108 16.08 1.59 -14.93
C THR C 108 17.26 0.62 -14.88
N LEU C 109 17.45 -0.05 -13.74
CA LEU C 109 18.54 -1.02 -13.64
C LEU C 109 18.31 -2.18 -14.60
N ALA C 110 17.07 -2.67 -14.69
CA ALA C 110 16.77 -3.78 -15.59
C ALA C 110 17.03 -3.40 -17.04
N ALA C 111 16.70 -2.16 -17.43
CA ALA C 111 16.91 -1.68 -18.79
C ALA C 111 18.38 -1.51 -19.15
N HIS C 112 19.26 -1.41 -18.16
CA HIS C 112 20.66 -1.10 -18.38
C HIS C 112 21.61 -2.23 -18.03
N LEU C 113 21.22 -3.15 -17.17
CA LEU C 113 22.12 -4.20 -16.68
C LEU C 113 21.51 -5.57 -16.95
N PRO C 114 21.43 -5.97 -18.22
CA PRO C 114 20.75 -7.24 -18.54
C PRO C 114 21.38 -8.46 -17.88
N ALA C 115 22.72 -8.50 -17.80
CA ALA C 115 23.38 -9.64 -17.18
C ALA C 115 23.18 -9.65 -15.66
N GLU C 116 23.16 -8.48 -15.02
CA GLU C 116 23.13 -8.44 -13.56
C GLU C 116 21.72 -8.58 -12.98
N PHE C 117 20.68 -8.27 -13.75
CA PHE C 117 19.31 -8.22 -13.22
C PHE C 117 18.63 -9.60 -13.26
N THR C 118 19.26 -10.58 -12.59
CA THR C 118 18.69 -11.90 -12.44
C THR C 118 17.53 -11.87 -11.44
N PRO C 119 16.71 -12.92 -11.37
CA PRO C 119 15.65 -12.94 -10.34
C PRO C 119 16.15 -12.76 -8.92
N ALA C 120 17.32 -13.32 -8.57
CA ALA C 120 17.84 -13.16 -7.21
C ALA C 120 18.26 -11.73 -6.95
N VAL C 121 18.96 -11.12 -7.90
CA VAL C 121 19.48 -9.77 -7.71
C VAL C 121 18.35 -8.76 -7.76
N HIS C 122 17.34 -9.03 -8.60
CA HIS C 122 16.09 -8.28 -8.56
C HIS C 122 15.45 -8.35 -7.16
N ALA C 123 15.33 -9.55 -6.58
CA ALA C 123 14.80 -9.65 -5.22
C ALA C 123 15.62 -8.86 -4.22
N SER C 124 16.96 -8.98 -4.28
CA SER C 124 17.82 -8.25 -3.33
C SER C 124 17.67 -6.74 -3.50
N LEU C 125 17.67 -6.26 -4.75
CA LEU C 125 17.48 -4.84 -5.01
C LEU C 125 16.14 -4.33 -4.48
N ASP C 126 15.08 -5.10 -4.70
CA ASP C 126 13.79 -4.68 -4.17
C ASP C 126 13.83 -4.55 -2.66
N LYS C 127 14.45 -5.52 -1.98
CA LYS C 127 14.56 -5.45 -0.52
C LYS C 127 15.40 -4.25 -0.08
N PHE C 128 16.47 -3.95 -0.82
CA PHE C 128 17.32 -2.82 -0.48
C PHE C 128 16.55 -1.52 -0.63
N LEU C 129 15.83 -1.38 -1.73
CA LEU C 129 15.09 -0.15 -1.94
C LEU C 129 13.92 -0.04 -0.96
N ALA C 130 13.30 -1.18 -0.61
CA ALA C 130 12.30 -1.16 0.45
C ALA C 130 12.92 -0.72 1.79
N SER C 131 14.13 -1.19 2.09
CA SER C 131 14.79 -0.79 3.34
C SER C 131 15.10 0.70 3.34
N VAL C 132 15.60 1.23 2.22
CA VAL C 132 15.85 2.67 2.09
C VAL C 132 14.55 3.43 2.30
N SER C 133 13.48 2.98 1.65
CA SER C 133 12.18 3.63 1.77
C SER C 133 11.66 3.60 3.20
N THR C 134 11.82 2.47 3.90
CA THR C 134 11.43 2.43 5.32
C THR C 134 12.14 3.50 6.15
N VAL C 135 13.46 3.65 5.93
CA VAL C 135 14.21 4.67 6.66
C VAL C 135 13.71 6.06 6.30
N LEU C 136 13.56 6.32 5.01
CA LEU C 136 13.18 7.67 4.58
C LEU C 136 11.76 8.04 5.03
N THR C 137 10.93 7.06 5.38
CA THR C 137 9.60 7.32 5.90
C THR C 137 9.52 7.17 7.41
N SER C 138 10.65 7.01 8.09
CA SER C 138 10.66 6.64 9.50
C SER C 138 10.34 7.82 10.42
N LYS C 139 10.54 9.04 9.96
CA LYS C 139 10.28 10.21 10.78
C LYS C 139 8.89 10.76 10.49
N VAL D 1 -9.09 3.73 -18.50
CA VAL D 1 -7.94 3.25 -19.26
C VAL D 1 -8.01 3.76 -20.71
N HIS D 2 -7.69 5.03 -20.85
CA HIS D 2 -7.58 5.70 -22.14
C HIS D 2 -6.10 5.81 -22.50
N LEU D 3 -5.66 4.98 -23.44
CA LEU D 3 -4.35 5.19 -24.04
C LEU D 3 -4.52 6.11 -25.24
N THR D 4 -3.61 7.08 -25.37
CA THR D 4 -3.62 7.91 -26.56
C THR D 4 -3.18 7.01 -27.72
N PRO D 5 -3.39 7.43 -28.97
CA PRO D 5 -2.85 6.61 -30.07
C PRO D 5 -1.34 6.44 -29.99
N GLU D 6 -0.60 7.47 -29.55
CA GLU D 6 0.83 7.30 -29.34
C GLU D 6 1.12 6.27 -28.28
N GLU D 7 0.34 6.27 -27.19
CA GLU D 7 0.48 5.23 -26.17
C GLU D 7 0.13 3.86 -26.72
N LYS D 8 -1.02 3.76 -27.41
CA LYS D 8 -1.39 2.50 -28.02
C LYS D 8 -0.30 2.02 -28.97
N SER D 9 0.25 2.95 -29.75
CA SER D 9 1.29 2.59 -30.71
C SER D 9 2.51 2.03 -29.98
N ALA D 10 2.95 2.72 -28.91
CA ALA D 10 4.13 2.25 -28.19
C ALA D 10 3.91 0.87 -27.60
N VAL D 11 2.70 0.63 -27.07
CA VAL D 11 2.43 -0.64 -26.40
C VAL D 11 2.36 -1.78 -27.39
N THR D 12 1.56 -1.64 -28.45
CA THR D 12 1.35 -2.75 -29.36
C THR D 12 2.60 -3.09 -30.14
N ALA D 13 3.44 -2.10 -30.45
CA ALA D 13 4.62 -2.37 -31.25
C ALA D 13 5.64 -3.20 -30.47
N LEU D 14 5.82 -2.90 -29.19
CA LEU D 14 6.69 -3.72 -28.37
C LEU D 14 6.08 -5.09 -28.14
N TRP D 15 4.76 -5.15 -27.93
CA TRP D 15 4.15 -6.42 -27.56
C TRP D 15 4.30 -7.46 -28.68
N GLY D 16 4.22 -7.01 -29.94
CA GLY D 16 4.44 -7.93 -31.05
C GLY D 16 5.76 -8.66 -31.00
N LYS D 17 6.76 -8.12 -30.31
CA LYS D 17 8.07 -8.75 -30.20
C LYS D 17 8.24 -9.62 -28.97
N VAL D 18 7.21 -9.75 -28.15
CA VAL D 18 7.33 -10.50 -26.90
C VAL D 18 7.32 -11.99 -27.22
N ASN D 19 8.25 -12.73 -26.62
CA ASN D 19 8.23 -14.19 -26.66
C ASN D 19 7.14 -14.67 -25.70
N VAL D 20 5.97 -15.02 -26.25
CA VAL D 20 4.82 -15.36 -25.42
C VAL D 20 4.93 -16.74 -24.79
N ASP D 21 5.90 -17.55 -25.20
CA ASP D 21 6.14 -18.80 -24.49
C ASP D 21 6.99 -18.62 -23.22
N GLU D 22 7.64 -17.47 -23.05
CA GLU D 22 8.64 -17.31 -21.99
C GLU D 22 8.36 -16.15 -21.03
N VAL D 23 7.77 -15.05 -21.50
CA VAL D 23 7.82 -13.84 -20.69
C VAL D 23 6.86 -13.94 -19.51
N GLY D 24 5.71 -14.58 -19.71
CA GLY D 24 4.79 -14.80 -18.61
C GLY D 24 5.36 -15.69 -17.53
N GLY D 25 6.12 -16.71 -17.92
CA GLY D 25 6.80 -17.52 -16.92
C GLY D 25 7.90 -16.77 -16.20
N GLU D 26 8.62 -15.91 -16.92
CA GLU D 26 9.61 -15.06 -16.28
C GLU D 26 8.97 -14.13 -15.26
N ALA D 27 7.80 -13.59 -15.59
CA ALA D 27 7.15 -12.64 -14.68
C ALA D 27 6.59 -13.36 -13.45
N LEU D 28 5.92 -14.50 -13.65
CA LEU D 28 5.39 -15.25 -12.52
C LEU D 28 6.51 -15.72 -11.59
N GLY D 29 7.60 -16.23 -12.18
CA GLY D 29 8.73 -16.67 -11.37
C GLY D 29 9.30 -15.54 -10.54
N ARG D 30 9.54 -14.39 -11.15
CA ARG D 30 10.04 -13.25 -10.39
C ARG D 30 9.05 -12.85 -9.30
N LEU D 31 7.74 -12.90 -9.59
CA LEU D 31 6.75 -12.58 -8.56
C LEU D 31 6.95 -13.47 -7.34
N LEU D 32 7.13 -14.78 -7.57
CA LEU D 32 7.29 -15.74 -6.48
C LEU D 32 8.59 -15.54 -5.73
N VAL D 33 9.63 -15.10 -6.45
CA VAL D 33 10.95 -14.93 -5.84
C VAL D 33 11.03 -13.60 -5.09
N VAL D 34 10.52 -12.51 -5.72
CA VAL D 34 10.64 -11.17 -5.14
C VAL D 34 9.62 -10.96 -4.02
N TYR D 35 8.42 -11.53 -4.17
CA TYR D 35 7.31 -11.39 -3.23
C TYR D 35 6.89 -12.78 -2.75
N PRO D 36 7.71 -13.41 -1.88
CA PRO D 36 7.53 -14.85 -1.61
C PRO D 36 6.24 -15.21 -0.91
N TRP D 37 5.50 -14.24 -0.34
CA TRP D 37 4.20 -14.60 0.20
C TRP D 37 3.26 -15.07 -0.90
N THR D 38 3.50 -14.68 -2.15
CA THR D 38 2.65 -15.18 -3.22
C THR D 38 2.78 -16.69 -3.43
N GLN D 39 3.88 -17.29 -2.96
CA GLN D 39 4.07 -18.74 -3.03
C GLN D 39 2.97 -19.46 -2.26
N ARG D 40 2.26 -18.75 -1.39
N ARG D 40 2.28 -18.75 -1.37
CA ARG D 40 1.15 -19.36 -0.66
CA ARG D 40 1.13 -19.30 -0.67
C ARG D 40 0.08 -19.89 -1.59
C ARG D 40 0.14 -19.93 -1.62
N PHE D 41 -0.10 -19.28 -2.76
CA PHE D 41 -1.14 -19.69 -3.70
C PHE D 41 -0.67 -20.75 -4.70
N PHE D 42 0.58 -21.19 -4.60
CA PHE D 42 1.15 -22.05 -5.64
C PHE D 42 1.91 -23.23 -5.03
N GLU D 43 1.44 -23.72 -3.88
CA GLU D 43 2.11 -24.83 -3.21
C GLU D 43 2.09 -26.10 -4.06
N SER D 44 1.06 -26.26 -4.89
CA SER D 44 0.98 -27.43 -5.76
C SER D 44 2.05 -27.47 -6.84
N PHE D 45 2.82 -26.38 -7.01
CA PHE D 45 3.84 -26.33 -8.05
C PHE D 45 5.15 -27.01 -7.62
N GLY D 46 5.30 -27.36 -6.36
CA GLY D 46 6.42 -28.17 -5.93
C GLY D 46 7.61 -27.32 -5.52
N ASP D 47 8.79 -27.64 -6.06
CA ASP D 47 10.01 -27.01 -5.60
C ASP D 47 10.03 -25.54 -5.95
N LEU D 48 10.02 -24.70 -4.90
CA LEU D 48 10.18 -23.25 -5.02
C LEU D 48 11.24 -22.75 -4.06
N SER D 49 12.12 -23.65 -3.60
CA SER D 49 12.99 -23.37 -2.46
C SER D 49 14.07 -22.35 -2.80
N THR D 50 14.48 -22.27 -4.06
CA THR D 50 15.51 -21.36 -4.53
C THR D 50 15.01 -20.62 -5.76
N PRO D 51 15.60 -19.45 -6.07
CA PRO D 51 15.24 -18.78 -7.32
C PRO D 51 15.41 -19.68 -8.54
N ASP D 52 16.56 -20.36 -8.67
CA ASP D 52 16.77 -21.28 -9.78
C ASP D 52 15.67 -22.34 -9.82
N ALA D 53 15.33 -22.91 -8.67
CA ALA D 53 14.23 -23.88 -8.62
C ALA D 53 12.93 -23.27 -9.12
N VAL D 54 12.68 -22.00 -8.80
CA VAL D 54 11.46 -21.35 -9.26
C VAL D 54 11.51 -21.12 -10.76
N MET D 55 12.60 -20.52 -11.25
CA MET D 55 12.63 -20.07 -12.63
C MET D 55 12.71 -21.23 -13.61
N GLY D 56 13.26 -22.36 -13.17
CA GLY D 56 13.29 -23.57 -13.97
C GLY D 56 12.17 -24.55 -13.69
N ASN D 57 11.18 -24.17 -12.90
CA ASN D 57 10.06 -25.05 -12.58
C ASN D 57 9.13 -25.10 -13.77
N PRO D 58 8.82 -26.29 -14.31
CA PRO D 58 7.96 -26.35 -15.51
C PRO D 58 6.54 -25.93 -15.24
N LYS D 59 6.04 -26.09 -14.01
CA LYS D 59 4.71 -25.59 -13.70
C LYS D 59 4.67 -24.08 -13.73
N VAL D 60 5.76 -23.42 -13.32
CA VAL D 60 5.81 -21.97 -13.35
C VAL D 60 5.74 -21.46 -14.78
N LYS D 61 6.58 -22.01 -15.67
CA LYS D 61 6.55 -21.60 -17.06
C LYS D 61 5.21 -21.89 -17.70
N ALA D 62 4.65 -23.07 -17.44
CA ALA D 62 3.38 -23.44 -18.07
C ALA D 62 2.25 -22.55 -17.60
N HIS D 63 2.18 -22.26 -16.28
CA HIS D 63 1.12 -21.38 -15.80
C HIS D 63 1.35 -19.93 -16.22
N GLY D 64 2.60 -19.48 -16.25
CA GLY D 64 2.89 -18.13 -16.72
C GLY D 64 2.41 -17.89 -18.13
N LYS D 65 2.44 -18.92 -18.97
CA LYS D 65 1.91 -18.83 -20.33
C LYS D 65 0.46 -18.37 -20.33
N LYS D 66 -0.35 -18.96 -19.45
CA LYS D 66 -1.77 -18.58 -19.38
C LYS D 66 -1.92 -17.16 -18.85
N VAL D 67 -1.14 -16.79 -17.84
CA VAL D 67 -1.19 -15.43 -17.31
C VAL D 67 -0.92 -14.44 -18.42
N LEU D 68 0.15 -14.66 -19.18
CA LEU D 68 0.51 -13.72 -20.26
C LEU D 68 -0.59 -13.65 -21.30
N GLY D 69 -1.23 -14.78 -21.58
CA GLY D 69 -2.35 -14.78 -22.52
C GLY D 69 -3.48 -13.88 -22.07
N ALA D 70 -3.71 -13.80 -20.76
CA ALA D 70 -4.72 -12.89 -20.25
C ALA D 70 -4.29 -11.43 -20.43
N PHE D 71 -3.02 -11.12 -20.15
CA PHE D 71 -2.53 -9.79 -20.48
C PHE D 71 -2.72 -9.51 -21.98
N SER D 72 -2.36 -10.48 -22.83
CA SER D 72 -2.55 -10.29 -24.27
C SER D 72 -4.01 -10.01 -24.59
N ASP D 73 -4.92 -10.74 -23.94
CA ASP D 73 -6.35 -10.49 -24.10
C ASP D 73 -6.73 -9.07 -23.68
N GLY D 74 -6.17 -8.58 -22.57
CA GLY D 74 -6.51 -7.24 -22.14
C GLY D 74 -6.00 -6.20 -23.11
N LEU D 75 -4.81 -6.42 -23.68
CA LEU D 75 -4.24 -5.48 -24.62
C LEU D 75 -5.12 -5.33 -25.87
N ALA D 76 -5.93 -6.34 -26.17
CA ALA D 76 -6.85 -6.28 -27.30
C ALA D 76 -8.14 -5.55 -26.97
N HIS D 77 -8.50 -5.42 -25.70
CA HIS D 77 -9.80 -4.90 -25.29
C HIS D 77 -9.63 -3.81 -24.24
N LEU D 78 -8.77 -2.84 -24.52
CA LEU D 78 -8.52 -1.77 -23.55
C LEU D 78 -9.78 -0.99 -23.20
N ASP D 79 -10.76 -0.95 -24.10
CA ASP D 79 -11.99 -0.21 -23.90
C ASP D 79 -13.02 -0.96 -23.06
N ASN D 80 -12.81 -2.26 -22.83
CA ASN D 80 -13.65 -3.08 -21.95
C ASN D 80 -12.75 -4.10 -21.26
N LEU D 81 -11.96 -3.61 -20.30
CA LEU D 81 -11.19 -4.53 -19.48
C LEU D 81 -12.05 -5.20 -18.43
N LYS D 82 -13.03 -4.46 -17.90
CA LYS D 82 -13.98 -5.04 -16.94
C LYS D 82 -14.59 -6.33 -17.50
N GLY D 83 -15.14 -6.24 -18.72
CA GLY D 83 -15.73 -7.41 -19.35
C GLY D 83 -14.73 -8.52 -19.58
N THR D 84 -13.57 -8.17 -20.16
CA THR D 84 -12.57 -9.18 -20.47
C THR D 84 -12.18 -9.99 -19.23
N PHE D 85 -12.08 -9.35 -18.06
CA PHE D 85 -11.50 -9.99 -16.88
C PHE D 85 -12.54 -10.41 -15.85
N ALA D 86 -13.83 -10.33 -16.17
CA ALA D 86 -14.87 -10.71 -15.20
C ALA D 86 -14.68 -12.13 -14.68
N THR D 87 -14.46 -13.07 -15.58
CA THR D 87 -14.31 -14.46 -15.16
C THR D 87 -13.06 -14.64 -14.29
N LEU D 88 -11.96 -13.98 -14.66
CA LEU D 88 -10.76 -14.14 -13.84
C LEU D 88 -10.91 -13.42 -12.51
N SER D 89 -11.70 -12.35 -12.48
CA SER D 89 -11.94 -11.63 -11.23
C SER D 89 -12.71 -12.48 -10.24
N GLU D 90 -13.76 -13.18 -10.71
CA GLU D 90 -14.45 -14.12 -9.84
C GLU D 90 -13.49 -15.17 -9.30
N LEU D 91 -12.59 -15.68 -10.14
CA LEU D 91 -11.66 -16.70 -9.69
C LEU D 91 -10.71 -16.16 -8.63
N HIS D 92 -10.08 -15.01 -8.91
CA HIS D 92 -9.05 -14.48 -8.03
C HIS D 92 -9.62 -13.85 -6.76
N CYS D 93 -10.81 -13.26 -6.86
CA CYS D 93 -11.39 -12.57 -5.72
C CYS D 93 -12.29 -13.50 -4.91
N ASP D 94 -13.37 -14.01 -5.53
CA ASP D 94 -14.34 -14.84 -4.81
C ASP D 94 -13.80 -16.24 -4.48
N LYS D 95 -13.02 -16.83 -5.37
CA LYS D 95 -12.54 -18.18 -5.09
C LYS D 95 -11.16 -18.21 -4.45
N LEU D 96 -10.22 -17.43 -4.97
CA LEU D 96 -8.86 -17.51 -4.47
C LEU D 96 -8.59 -16.59 -3.30
N HIS D 97 -9.29 -15.46 -3.21
CA HIS D 97 -9.04 -14.48 -2.16
C HIS D 97 -7.58 -14.00 -2.18
N VAL D 98 -7.10 -13.67 -3.38
CA VAL D 98 -5.80 -13.01 -3.53
C VAL D 98 -6.00 -11.53 -3.23
N ASP D 99 -5.14 -10.96 -2.38
CA ASP D 99 -5.30 -9.53 -2.15
C ASP D 99 -4.97 -8.78 -3.43
N PRO D 100 -5.81 -7.82 -3.85
CA PRO D 100 -5.60 -7.16 -5.14
C PRO D 100 -4.33 -6.35 -5.25
N GLU D 101 -3.71 -5.95 -4.13
CA GLU D 101 -2.38 -5.33 -4.20
C GLU D 101 -1.41 -6.19 -4.98
N ASN D 102 -1.59 -7.51 -4.94
CA ASN D 102 -0.69 -8.40 -5.68
C ASN D 102 -0.93 -8.38 -7.19
N PHE D 103 -2.11 -7.95 -7.63
CA PHE D 103 -2.28 -7.68 -9.06
C PHE D 103 -1.37 -6.53 -9.49
N ARG D 104 -1.31 -5.47 -8.70
CA ARG D 104 -0.39 -4.38 -8.99
C ARG D 104 1.04 -4.86 -9.02
N LEU D 105 1.43 -5.72 -8.07
CA LEU D 105 2.80 -6.20 -8.01
C LEU D 105 3.15 -7.00 -9.26
N LEU D 106 2.31 -7.94 -9.65
CA LEU D 106 2.58 -8.72 -10.86
C LEU D 106 2.71 -7.82 -12.08
N GLY D 107 1.84 -6.81 -12.21
CA GLY D 107 1.96 -5.86 -13.30
C GLY D 107 3.30 -5.14 -13.30
N ASN D 108 3.72 -4.65 -12.13
CA ASN D 108 5.05 -4.04 -12.02
C ASN D 108 6.16 -5.03 -12.33
N VAL D 109 6.03 -6.29 -11.93
CA VAL D 109 7.08 -7.26 -12.23
C VAL D 109 7.13 -7.53 -13.74
N LEU D 110 5.96 -7.62 -14.38
CA LEU D 110 5.91 -7.73 -15.83
C LEU D 110 6.66 -6.57 -16.48
N VAL D 111 6.43 -5.35 -15.98
CA VAL D 111 7.11 -4.18 -16.50
C VAL D 111 8.63 -4.32 -16.35
N CYS D 112 9.10 -4.85 -15.21
CA CYS D 112 10.54 -5.05 -15.05
C CYS D 112 11.07 -6.08 -16.06
N VAL D 113 10.28 -7.13 -16.32
CA VAL D 113 10.69 -8.14 -17.31
C VAL D 113 10.81 -7.52 -18.70
N LEU D 114 9.83 -6.69 -19.08
CA LEU D 114 9.90 -6.03 -20.39
C LEU D 114 11.11 -5.12 -20.47
N ALA D 115 11.41 -4.39 -19.39
CA ALA D 115 12.59 -3.54 -19.37
C ALA D 115 13.86 -4.37 -19.54
N HIS D 116 13.96 -5.44 -18.76
CA HIS D 116 15.10 -6.35 -18.86
C HIS D 116 15.29 -6.87 -20.28
N HIS D 117 14.19 -7.24 -20.95
CA HIS D 117 14.29 -7.88 -22.25
C HIS D 117 14.49 -6.89 -23.38
N PHE D 118 13.98 -5.66 -23.25
CA PHE D 118 14.02 -4.72 -24.35
C PHE D 118 15.02 -3.59 -24.14
N GLY D 119 15.56 -3.42 -22.93
CA GLY D 119 16.64 -2.46 -22.76
C GLY D 119 16.22 -1.05 -23.12
N LYS D 120 17.15 -0.33 -23.78
CA LYS D 120 16.93 1.05 -24.21
C LYS D 120 15.62 1.22 -24.95
N GLU D 121 15.15 0.18 -25.65
CA GLU D 121 13.90 0.26 -26.36
C GLU D 121 12.72 0.44 -25.41
N PHE D 122 12.87 0.05 -24.15
CA PHE D 122 11.83 0.25 -23.12
C PHE D 122 12.00 1.64 -22.52
N THR D 123 11.70 2.64 -23.35
CA THR D 123 11.93 4.04 -23.01
C THR D 123 10.98 4.47 -21.91
N PRO D 124 11.23 5.60 -21.26
CA PRO D 124 10.32 6.08 -20.21
C PRO D 124 8.91 6.33 -20.73
N PRO D 125 8.72 6.87 -21.95
CA PRO D 125 7.34 6.96 -22.46
C PRO D 125 6.71 5.61 -22.72
N VAL D 126 7.47 4.64 -23.25
CA VAL D 126 6.91 3.29 -23.41
C VAL D 126 6.51 2.72 -22.06
N GLN D 127 7.36 2.91 -21.05
CA GLN D 127 6.98 2.44 -19.72
C GLN D 127 5.68 3.09 -19.27
N ALA D 128 5.56 4.41 -19.44
CA ALA D 128 4.39 5.11 -18.90
C ALA D 128 3.11 4.56 -19.51
N ALA D 129 3.16 4.21 -20.80
CA ALA D 129 2.03 3.56 -21.46
C ALA D 129 1.76 2.17 -20.87
N TYR D 130 2.79 1.34 -20.71
CA TYR D 130 2.58 0.05 -20.08
C TYR D 130 2.05 0.18 -18.65
N GLN D 131 2.44 1.23 -17.92
CA GLN D 131 1.91 1.37 -16.56
C GLN D 131 0.41 1.63 -16.61
N LYS D 132 -0.05 2.42 -17.58
CA LYS D 132 -1.50 2.57 -17.71
C LYS D 132 -2.15 1.21 -17.96
N VAL D 133 -1.50 0.36 -18.76
CA VAL D 133 -2.07 -0.94 -19.07
C VAL D 133 -2.13 -1.83 -17.84
N VAL D 134 -1.01 -1.99 -17.14
CA VAL D 134 -1.05 -2.95 -16.03
C VAL D 134 -1.93 -2.42 -14.90
N ALA D 135 -2.06 -1.09 -14.75
CA ALA D 135 -3.03 -0.56 -13.79
C ALA D 135 -4.45 -0.93 -14.20
N GLY D 136 -4.78 -0.79 -15.49
CA GLY D 136 -6.12 -1.13 -15.94
C GLY D 136 -6.47 -2.59 -15.72
N VAL D 137 -5.51 -3.48 -15.99
CA VAL D 137 -5.73 -4.91 -15.79
C VAL D 137 -5.96 -5.20 -14.31
N ALA D 138 -5.05 -4.74 -13.44
CA ALA D 138 -5.22 -4.95 -12.00
C ALA D 138 -6.59 -4.44 -11.52
N ASN D 139 -7.00 -3.25 -11.98
CA ASN D 139 -8.30 -2.72 -11.54
C ASN D 139 -9.45 -3.59 -12.00
N ALA D 140 -9.40 -4.07 -13.25
CA ALA D 140 -10.47 -4.93 -13.74
C ALA D 140 -10.48 -6.27 -13.03
N LEU D 141 -9.30 -6.86 -12.83
CA LEU D 141 -9.22 -8.10 -12.07
C LEU D 141 -9.74 -7.93 -10.65
N ALA D 142 -9.62 -6.72 -10.10
CA ALA D 142 -10.11 -6.46 -8.75
C ALA D 142 -11.57 -6.05 -8.69
N HIS D 143 -12.27 -6.03 -9.83
CA HIS D 143 -13.62 -5.47 -9.81
C HIS D 143 -14.56 -6.23 -8.87
N LYS D 144 -14.38 -7.56 -8.73
CA LYS D 144 -15.26 -8.30 -7.84
C LYS D 144 -15.03 -7.96 -6.37
N TYR D 145 -14.02 -7.14 -6.04
CA TYR D 145 -13.89 -6.56 -4.72
C TYR D 145 -14.54 -5.18 -4.60
N HIS D 146 -14.79 -4.50 -5.72
CA HIS D 146 -15.19 -3.09 -5.70
C HIS D 146 -16.69 -2.92 -5.61
CHA HEM E . 0.07 -16.75 14.70
CHB HEM E . 0.59 -12.30 16.56
CHC HEM E . -0.63 -10.29 12.35
CHD HEM E . -1.96 -14.70 10.78
C1A HEM E . 0.36 -15.72 15.56
C2A HEM E . 0.85 -15.85 16.93
C3A HEM E . 0.99 -14.61 17.44
C4A HEM E . 0.57 -13.66 16.42
CMA HEM E . 1.47 -14.24 18.86
CAA HEM E . 1.17 -17.19 17.64
CBA HEM E . -0.06 -17.89 18.15
CGA HEM E . 0.42 -19.12 18.87
O1A HEM E . -0.44 -19.97 19.22
O2A HEM E . 1.67 -19.27 19.07
C1B HEM E . 0.35 -11.34 15.59
C2B HEM E . 0.47 -9.89 15.74
C3B HEM E . 0.15 -9.34 14.56
C4B HEM E . -0.22 -10.42 13.65
CMB HEM E . 0.96 -9.15 16.99
CAB HEM E . 0.10 -7.86 14.15
CBB HEM E . -0.47 -6.92 14.92
C1C HEM E . -1.19 -11.30 11.58
C2C HEM E . -1.90 -11.16 10.33
C3C HEM E . -2.22 -12.39 9.89
C4C HEM E . -1.77 -13.34 10.87
CMC HEM E . -2.16 -9.79 9.66
CAC HEM E . -3.04 -12.84 8.66
CBC HEM E . -3.99 -12.07 8.10
C1D HEM E . -1.54 -15.62 11.69
C2D HEM E . -1.75 -17.06 11.60
C3D HEM E . -1.17 -17.64 12.67
C4D HEM E . -0.60 -16.59 13.49
CMD HEM E . -2.49 -17.80 10.46
CAD HEM E . -1.16 -19.15 13.01
CBD HEM E . -2.45 -19.38 13.82
CGD HEM E . -2.62 -20.84 14.20
O1D HEM E . -2.99 -21.10 15.37
O2D HEM E . -2.41 -21.73 13.36
NA HEM E . 0.19 -14.37 15.30
NB HEM E . -0.06 -11.60 14.32
NC HEM E . -1.12 -12.64 11.87
ND HEM E . -0.84 -15.38 12.85
FE HEM E . -0.41 -13.50 13.61
C1 GOL F . -17.76 -1.71 27.07
O1 GOL F . -18.17 -1.98 25.75
C2 GOL F . -16.22 -1.44 27.02
O2 GOL F . -15.91 -0.08 26.94
C3 GOL F . -15.58 -2.17 28.25
O3 GOL F . -14.80 -3.25 27.78
C1 GOL G . -12.38 -21.11 8.58
O1 GOL G . -13.24 -20.31 7.81
C2 GOL G . -12.68 -22.65 8.30
O2 GOL G . -13.22 -23.36 9.38
C3 GOL G . -13.50 -22.75 7.01
O3 GOL G . -12.75 -23.53 6.18
C MBN H . 4.93 -10.00 5.18
C1 MBN H . 6.03 -10.71 4.49
C2 MBN H . 6.02 -12.09 4.33
C3 MBN H . 7.06 -12.72 3.66
C4 MBN H . 8.14 -11.97 3.16
C5 MBN H . 8.15 -10.59 3.33
C6 MBN H . 7.11 -9.96 3.98
C1 GOL I . 4.83 0.65 3.14
C1 GOL I . 3.70 0.85 4.45
O1 GOL I . 4.29 1.89 2.79
O1 GOL I . 3.46 2.03 3.75
C2 GOL I . 3.64 -0.31 3.26
C2 GOL I . 3.93 -0.24 3.38
O2 GOL I . 2.71 -0.12 2.24
O2 GOL I . 2.99 -0.15 2.35
C3 GOL I . 4.22 -1.72 3.26
C3 GOL I . 3.81 -1.58 4.14
O3 GOL I . 4.95 -1.83 2.09
O3 GOL I . 3.48 -2.55 3.20
CHA HEM J . -11.91 19.50 -1.47
CHB HEM J . -14.40 15.45 -0.43
CHC HEM J . -10.16 13.11 0.06
CHD HEM J . -7.69 17.23 -0.56
C1A HEM J . -12.97 18.62 -1.24
C2A HEM J . -14.38 18.94 -1.27
C3A HEM J . -15.07 17.82 -0.98
C4A HEM J . -14.11 16.75 -0.75
CMA HEM J . -16.61 17.65 -0.90
CAA HEM J . -14.97 20.35 -1.58
CBA HEM J . -14.91 20.61 -3.08
CGA HEM J . -15.67 21.88 -3.40
O1A HEM J . -15.34 22.93 -2.81
O2A HEM J . -16.58 21.82 -4.25
C1B HEM J . -13.47 14.45 -0.24
C2B HEM J . -13.74 13.04 -0.05
C3B HEM J . -12.55 12.41 0.08
C4B HEM J . -11.51 13.40 -0.02
CMB HEM J . -15.18 12.44 -0.03
CAB HEM J . -12.20 10.90 0.31
CBB HEM J . -13.09 9.95 0.56
C1C HEM J . -9.12 14.02 0.04
C2C HEM J . -7.76 13.78 0.50
C3C HEM J . -7.06 14.92 0.31
C4C HEM J . -7.97 15.92 -0.24
CMC HEM J . -7.32 12.39 1.04
CAC HEM J . -5.58 15.22 0.64
CBC HEM J . -4.87 14.51 1.50
C1D HEM J . -8.63 18.21 -0.86
C2D HEM J . -8.36 19.62 -1.10
C3D HEM J . -9.52 20.25 -1.35
C4D HEM J . -10.57 19.25 -1.27
CMD HEM J . -6.96 20.25 -1.06
CAD HEM J . -9.75 21.75 -1.68
CBD HEM J . -9.77 21.90 -3.19
CGD HEM J . -10.03 23.34 -3.62
O1D HEM J . -10.81 24.06 -2.95
O2D HEM J . -9.46 23.75 -4.68
NA HEM J . -12.86 17.29 -0.92
NB HEM J . -12.10 14.64 -0.22
NC HEM J . -9.20 15.33 -0.37
ND HEM J . -9.99 18.03 -0.98
FE HEM J . -11.04 16.35 -0.52
O1 NSM K . -11.13 17.66 1.73
N NSM K . -10.97 16.52 1.44
C1 NSM K . -10.57 15.67 2.54
C1 GOL L . -13.92 1.71 -12.62
O1 GOL L . -12.71 2.39 -12.39
C2 GOL L . -13.89 0.46 -11.73
O2 GOL L . -13.09 0.64 -10.61
C3 GOL L . -15.37 0.21 -11.35
O3 GOL L . -15.34 -0.83 -10.42
CHA HEM M . 15.37 15.99 -2.13
CHB HEM M . 17.07 11.44 -2.16
CHC HEM M . 12.56 9.75 -2.61
CHD HEM M . 10.99 14.28 -3.40
C1A HEM M . 16.24 14.92 -2.06
C2A HEM M . 17.68 14.97 -1.85
C3A HEM M . 18.15 13.71 -1.87
C4A HEM M . 17.01 12.81 -2.09
CMA HEM M . 19.62 13.28 -1.68
CAA HEM M . 18.50 16.26 -1.63
CBA HEM M . 18.88 16.95 -2.93
CGA HEM M . 19.67 18.18 -2.56
O1A HEM M . 19.69 19.16 -3.37
O2A HEM M . 20.25 18.20 -1.43
C1B HEM M . 16.00 10.58 -2.25
C2B HEM M . 16.08 9.12 -2.28
C3B HEM M . 14.83 8.64 -2.37
C4B HEM M . 13.92 9.79 -2.48
CMB HEM M . 17.38 8.30 -2.11
CAB HEM M . 14.35 7.18 -2.44
CBB HEM M . 14.93 6.25 -3.19
C1C HEM M . 11.74 10.82 -2.95
C2C HEM M . 10.37 10.76 -3.41
C3C HEM M . 9.95 12.02 -3.61
C4C HEM M . 11.04 12.90 -3.30
CMC HEM M . 9.58 9.44 -3.60
CAC HEM M . 8.60 12.57 -4.13
CBC HEM M . 7.85 11.91 -5.03
C1D HEM M . 12.03 15.12 -3.14
C2D HEM M . 12.00 16.57 -3.26
C3D HEM M . 13.20 17.04 -2.90
C4D HEM M . 14.05 15.92 -2.55
CMD HEM M . 10.81 17.42 -3.72
CAD HEM M . 13.62 18.51 -2.90
CBD HEM M . 14.14 18.82 -4.31
CGD HEM M . 14.54 20.28 -4.42
O1D HEM M . 15.63 20.58 -4.94
O2D HEM M . 13.76 21.16 -3.99
NA HEM M . 15.88 13.59 -2.22
NB HEM M . 14.68 10.94 -2.38
NC HEM M . 12.12 12.14 -2.89
ND HEM M . 13.29 14.77 -2.70
FE HEM M . 14.05 12.86 -2.58
C1 GOL N . 24.74 1.76 -20.87
O1 GOL N . 24.58 2.79 -19.92
C2 GOL N . 23.32 1.27 -21.27
O2 GOL N . 23.10 -0.08 -21.07
C3 GOL N . 23.07 1.72 -22.73
O3 GOL N . 21.70 2.00 -22.79
C MBN O . 6.65 9.47 4.32
C1 MBN O . 6.20 10.09 5.59
C2 MBN O . 5.86 9.27 6.68
C3 MBN O . 5.45 9.84 7.87
C4 MBN O . 5.36 11.22 8.00
C5 MBN O . 5.70 12.05 6.92
C6 MBN O . 6.12 11.49 5.71
P PO4 P . 16.74 13.36 -18.54
O1 PO4 P . 17.57 13.50 -19.79
O2 PO4 P . 16.96 11.97 -17.98
O3 PO4 P . 17.11 14.44 -17.52
O4 PO4 P . 15.28 13.55 -18.89
CHA HEM Q . -4.96 -18.67 -12.27
CHB HEM Q . -4.18 -14.58 -14.76
CHC HEM Q . -2.69 -12.51 -10.61
CHD HEM Q . -3.12 -16.70 -8.21
C1A HEM Q . -4.88 -17.77 -13.30
C2A HEM Q . -5.18 -18.01 -14.70
C3A HEM Q . -4.97 -16.88 -15.39
C4A HEM Q . -4.51 -15.88 -14.45
CMA HEM Q . -5.16 -16.62 -16.91
CAA HEM Q . -5.68 -19.38 -15.25
CBA HEM Q . -7.17 -19.48 -14.96
CGA HEM Q . -7.73 -20.68 -15.69
O1A HEM Q . -7.19 -21.79 -15.51
O2A HEM Q . -8.72 -20.51 -16.44
C1B HEM Q . -3.75 -13.64 -13.83
C2B HEM Q . -3.52 -12.23 -14.08
C3B HEM Q . -3.11 -11.67 -12.93
C4B HEM Q . -3.07 -12.71 -11.92
CMB HEM Q . -3.74 -11.55 -15.45
CAB HEM Q . -2.71 -10.21 -12.59
CBB HEM Q . -2.75 -9.18 -13.43
C1C HEM Q . -2.56 -13.46 -9.62
C2C HEM Q . -1.84 -13.32 -8.37
C3C HEM Q . -1.98 -14.48 -7.69
C4C HEM Q . -2.76 -15.39 -8.51
CMC HEM Q . -1.11 -12.01 -7.96
CAC HEM Q . -1.40 -14.90 -6.33
CBC HEM Q . -0.36 -14.28 -5.75
C1D HEM Q . -3.64 -17.62 -9.11
C2D HEM Q . -3.89 -19.03 -8.87
C3D HEM Q . -4.40 -19.56 -9.99
C4D HEM Q . -4.48 -18.52 -10.99
CMD HEM Q . -3.63 -19.76 -7.54
CAD HEM Q . -4.85 -21.03 -10.24
CBD HEM Q . -6.32 -21.14 -9.86
CGD HEM Q . -6.90 -22.51 -10.14
O1D HEM Q . -6.42 -23.20 -11.08
O2D HEM Q . -7.86 -22.91 -9.43
NA HEM Q . -4.48 -16.45 -13.19
NB HEM Q . -3.47 -13.91 -12.51
NC HEM Q . -3.09 -14.73 -9.66
ND HEM Q . -4.02 -17.34 -10.42
FE HEM Q . -3.60 -15.63 -11.50
O1 NSM R . -1.39 -17.19 -12.00
N NSM R . -1.71 -16.04 -11.95
C1 NSM R . -0.60 -15.13 -11.66
#